data_2XKP
#
_entry.id   2XKP
#
_cell.length_a   110.391
_cell.length_b   110.391
_cell.length_c   219.600
_cell.angle_alpha   90.00
_cell.angle_beta   90.00
_cell.angle_gamma   120.00
#
_symmetry.space_group_name_H-M   'P 61'
#
loop_
_entity.id
_entity.type
_entity.pdbx_description
1 polymer 'GLOBAL NITROGEN REGULATOR'
2 non-polymer '2-OXOGLUTARIC ACID'
#
_entity_poly.entity_id   1
_entity_poly.type   'polypeptide(L)'
_entity_poly.pdbx_seq_one_letter_code
;MLANENSLLTMFRELGSGKLPLQIEQFERGKTIFFPGDPAERVYLLVKGAVKLSRVYESGEEITVALLRENSVFGVLSLL
TGQRSDRFYHAVAFTPVQLFSVPIEFMQKALIERPELANVMLQGLSSRILQTEMMIETLAHRDMGSRLVSFLLILCRDFG
IPSPDGITIDLKLSHQAIAEAIGSTRVTVTRLLGDLRESKLIAIHKKRITVFNPVALSQQFS
;
_entity_poly.pdbx_strand_id   A,B,C,D,E,F
#
loop_
_chem_comp.id
_chem_comp.type
_chem_comp.name
_chem_comp.formula
AKG non-polymer '2-OXOGLUTARIC ACID' 'C5 H6 O5'
#
# COMPACT_ATOMS: atom_id res chain seq x y z
N GLU A 5 19.89 3.90 31.26
CA GLU A 5 19.78 2.62 32.02
C GLU A 5 18.33 2.37 32.43
N ASN A 6 18.12 1.35 33.27
CA ASN A 6 16.81 1.09 33.88
C ASN A 6 16.73 1.67 35.31
N SER A 7 17.69 1.32 36.16
CA SER A 7 17.83 1.77 37.56
C SER A 7 16.58 2.00 38.45
N LEU A 8 15.38 1.91 37.87
CA LEU A 8 14.11 1.90 38.64
C LEU A 8 14.17 0.83 39.70
N LEU A 9 14.70 -0.33 39.30
CA LEU A 9 15.03 -1.42 40.24
C LEU A 9 15.74 -0.90 41.48
N THR A 10 16.80 -0.14 41.24
CA THR A 10 17.70 0.31 42.31
C THR A 10 17.03 1.33 43.25
N MET A 11 16.07 2.10 42.75
CA MET A 11 15.26 2.97 43.62
C MET A 11 14.30 2.15 44.48
N PHE A 12 13.45 1.38 43.80
CA PHE A 12 12.39 0.61 44.46
C PHE A 12 12.92 -0.25 45.60
N ARG A 13 13.96 -1.03 45.33
CA ARG A 13 14.42 -2.06 46.29
C ARG A 13 14.61 -1.55 47.74
N GLU A 14 14.65 -0.23 47.93
CA GLU A 14 14.58 0.37 49.26
C GLU A 14 13.29 1.17 49.43
N ILE A 24 11.00 -8.96 46.86
CA ILE A 24 10.34 -9.20 45.58
C ILE A 24 9.17 -10.15 45.81
N GLU A 25 8.10 -9.97 45.05
CA GLU A 25 6.92 -10.84 45.13
C GLU A 25 6.85 -11.73 43.90
N GLN A 26 6.49 -13.00 44.13
CA GLN A 26 6.29 -13.97 43.04
C GLN A 26 4.80 -14.10 42.75
N PHE A 27 4.45 -14.17 41.46
CA PHE A 27 3.07 -14.29 41.02
C PHE A 27 2.94 -15.32 39.92
N GLU A 28 2.03 -16.26 40.11
CA GLU A 28 1.86 -17.36 39.19
C GLU A 28 1.06 -16.93 37.97
N ARG A 29 1.47 -17.44 36.80
CA ARG A 29 0.75 -17.27 35.54
C ARG A 29 -0.76 -17.34 35.79
N GLY A 30 -1.42 -16.21 35.55
CA GLY A 30 -2.86 -16.12 35.73
C GLY A 30 -3.34 -15.53 37.04
N LYS A 31 -2.44 -15.42 38.02
CA LYS A 31 -2.82 -14.86 39.32
C LYS A 31 -3.10 -13.36 39.21
N THR A 32 -4.03 -12.87 40.02
CA THR A 32 -4.39 -11.45 40.04
C THR A 32 -3.48 -10.62 40.95
N ILE A 33 -3.03 -9.47 40.43
CA ILE A 33 -2.28 -8.50 41.24
C ILE A 33 -3.26 -7.52 41.88
N PHE A 34 -4.27 -7.06 41.12
CA PHE A 34 -5.45 -6.40 41.71
C PHE A 34 -6.70 -6.48 40.85
N PHE A 35 -7.87 -6.41 41.47
CA PHE A 35 -9.15 -6.53 40.79
C PHE A 35 -9.85 -5.18 40.90
N PRO A 36 -10.79 -4.88 39.98
CA PRO A 36 -11.64 -3.73 40.21
C PRO A 36 -12.41 -3.89 41.52
N GLY A 37 -12.51 -2.81 42.28
CA GLY A 37 -13.09 -2.87 43.62
C GLY A 37 -12.03 -2.78 44.69
N ASP A 38 -10.81 -3.22 44.38
CA ASP A 38 -9.70 -3.08 45.31
C ASP A 38 -9.45 -1.60 45.58
N PRO A 39 -8.98 -1.27 46.79
CA PRO A 39 -8.53 0.09 47.02
C PRO A 39 -7.22 0.32 46.27
N ALA A 40 -7.02 1.55 45.82
CA ALA A 40 -5.82 1.90 45.08
C ALA A 40 -4.73 2.42 46.02
N GLU A 41 -4.22 1.55 46.89
CA GLU A 41 -3.29 1.96 47.94
C GLU A 41 -1.81 1.70 47.62
N ARG A 42 -1.51 1.25 46.40
CA ARG A 42 -0.15 0.79 46.09
C ARG A 42 0.35 1.20 44.70
N VAL A 43 1.67 1.30 44.58
CA VAL A 43 2.37 1.44 43.31
C VAL A 43 3.23 0.19 43.13
N TYR A 44 3.51 -0.18 41.88
CA TYR A 44 4.27 -1.40 41.60
C TYR A 44 5.39 -1.14 40.60
N LEU A 45 6.42 -1.99 40.66
CA LEU A 45 7.43 -2.05 39.63
C LEU A 45 7.51 -3.49 39.16
N LEU A 46 7.16 -3.71 37.90
CA LEU A 46 7.23 -5.03 37.30
C LEU A 46 8.70 -5.32 37.00
N VAL A 47 9.27 -6.29 37.69
CA VAL A 47 10.69 -6.61 37.56
C VAL A 47 10.93 -7.66 36.49
N LYS A 48 10.12 -8.73 36.52
CA LYS A 48 10.27 -9.84 35.60
C LYS A 48 8.92 -10.44 35.22
N GLY A 49 8.68 -10.57 33.91
CA GLY A 49 7.43 -11.10 33.37
C GLY A 49 6.60 -10.06 32.66
N ALA A 50 5.34 -10.39 32.41
CA ALA A 50 4.41 -9.49 31.75
C ALA A 50 3.12 -9.40 32.56
N VAL A 51 2.62 -8.17 32.73
CA VAL A 51 1.36 -7.93 33.44
C VAL A 51 0.32 -7.35 32.48
N LYS A 52 -0.89 -7.91 32.53
CA LYS A 52 -1.96 -7.51 31.64
C LYS A 52 -3.02 -6.72 32.39
N LEU A 53 -3.13 -5.43 32.09
CA LEU A 53 -4.21 -4.59 32.59
C LEU A 53 -5.42 -4.76 31.67
N SER A 54 -6.54 -5.17 32.25
CA SER A 54 -7.77 -5.39 31.49
C SER A 54 -8.97 -4.66 32.09
N ARG A 55 -9.91 -4.32 31.22
CA ARG A 55 -11.18 -3.72 31.60
C ARG A 55 -12.26 -4.77 31.39
N VAL A 56 -12.94 -5.15 32.47
CA VAL A 56 -14.01 -6.15 32.41
C VAL A 56 -15.33 -5.45 32.21
N TYR A 57 -15.96 -5.70 31.07
CA TYR A 57 -17.30 -5.19 30.82
C TYR A 57 -18.28 -6.15 31.44
N GLU A 58 -18.48 -5.98 32.74
CA GLU A 58 -19.58 -6.67 33.43
C GLU A 58 -20.91 -6.33 32.73
N SER A 59 -21.65 -7.33 32.25
CA SER A 59 -21.31 -8.74 32.37
C SER A 59 -20.60 -9.24 31.09
N GLY A 60 -19.75 -10.24 31.25
CA GLY A 60 -19.13 -10.92 30.12
C GLY A 60 -17.70 -10.51 29.82
N GLU A 61 -17.50 -9.94 28.63
CA GLU A 61 -16.18 -9.87 27.99
C GLU A 61 -15.17 -8.91 28.60
N GLU A 62 -13.93 -9.03 28.10
CA GLU A 62 -12.77 -8.26 28.56
C GLU A 62 -12.08 -7.56 27.39
N ILE A 63 -11.43 -6.45 27.70
CA ILE A 63 -10.57 -5.73 26.75
C ILE A 63 -9.22 -5.44 27.37
N THR A 64 -8.14 -5.69 26.64
CA THR A 64 -6.81 -5.46 27.18
C THR A 64 -6.42 -4.00 26.98
N VAL A 65 -6.22 -3.29 28.08
CA VAL A 65 -5.79 -1.90 28.07
C VAL A 65 -4.27 -1.78 27.92
N ALA A 66 -3.52 -2.76 28.44
CA ALA A 66 -2.07 -2.70 28.39
C ALA A 66 -1.44 -4.04 28.73
N LEU A 67 -0.51 -4.51 27.89
CA LEU A 67 0.42 -5.57 28.27
C LEU A 67 1.71 -4.87 28.64
N LEU A 68 2.02 -4.85 29.93
CA LEU A 68 3.19 -4.15 30.44
C LEU A 68 4.43 -5.04 30.40
N ARG A 69 5.56 -4.47 30.00
CA ARG A 69 6.83 -5.21 29.97
C ARG A 69 7.70 -4.91 31.19
N GLU A 70 8.89 -5.50 31.22
CA GLU A 70 9.73 -5.45 32.41
C GLU A 70 10.19 -4.03 32.74
N ASN A 71 10.40 -3.81 34.04
CA ASN A 71 10.83 -2.53 34.59
C ASN A 71 9.84 -1.39 34.40
N SER A 72 8.55 -1.72 34.43
CA SER A 72 7.46 -0.76 34.24
C SER A 72 6.84 -0.42 35.59
N VAL A 73 6.58 0.86 35.83
CA VAL A 73 5.78 1.24 36.99
C VAL A 73 4.32 1.09 36.60
N PHE A 74 3.51 0.48 37.45
CA PHE A 74 2.07 0.49 37.24
C PHE A 74 1.34 0.61 38.57
N GLY A 75 0.02 0.53 38.53
CA GLY A 75 -0.81 0.86 39.67
C GLY A 75 -0.93 2.36 39.82
N VAL A 76 -0.50 3.08 38.78
CA VAL A 76 -0.32 4.53 38.82
C VAL A 76 -1.50 5.36 39.39
N LEU A 77 -2.71 4.80 39.38
CA LEU A 77 -3.87 5.50 39.98
C LEU A 77 -3.62 5.92 41.42
N SER A 78 -2.89 5.10 42.18
CA SER A 78 -2.64 5.40 43.58
C SER A 78 -1.97 6.77 43.79
N LEU A 79 -1.12 7.18 42.86
CA LEU A 79 -0.42 8.47 42.96
C LEU A 79 -1.37 9.70 42.95
N LEU A 80 -2.53 9.57 42.30
CA LEU A 80 -3.56 10.61 42.39
C LEU A 80 -4.16 10.64 43.81
N THR A 81 -3.94 11.74 44.52
CA THR A 81 -4.34 11.86 45.93
C THR A 81 -5.71 12.50 46.12
N ARG A 84 -8.74 7.96 49.23
CA ARG A 84 -8.17 7.19 48.13
C ARG A 84 -9.20 6.95 47.02
N SER A 85 -8.87 6.06 46.10
CA SER A 85 -9.77 5.65 45.00
C SER A 85 -9.83 4.14 44.91
N ASP A 86 -10.74 3.64 44.07
CA ASP A 86 -10.82 2.21 43.78
C ASP A 86 -10.28 1.88 42.39
N ARG A 87 -9.57 0.77 42.32
CA ARG A 87 -9.19 0.17 41.06
C ARG A 87 -10.43 -0.02 40.19
N PHE A 88 -10.27 0.24 38.89
CA PHE A 88 -11.30 -0.09 37.90
C PHE A 88 -10.78 -1.05 36.82
N TYR A 89 -9.48 -1.33 36.81
CA TYR A 89 -8.93 -2.33 35.92
C TYR A 89 -8.57 -3.60 36.68
N HIS A 90 -8.28 -4.65 35.92
CA HIS A 90 -7.90 -5.94 36.48
C HIS A 90 -6.45 -6.22 36.12
N ALA A 91 -5.59 -6.27 37.14
CA ALA A 91 -4.16 -6.52 36.97
C ALA A 91 -3.86 -7.99 37.16
N VAL A 92 -3.35 -8.64 36.12
CA VAL A 92 -3.10 -10.10 36.15
C VAL A 92 -1.69 -10.43 35.68
N ALA A 93 -1.09 -11.45 36.29
CA ALA A 93 0.18 -11.99 35.82
C ALA A 93 -0.06 -12.75 34.51
N PHE A 94 0.39 -12.17 33.39
CA PHE A 94 0.14 -12.78 32.08
C PHE A 94 1.06 -13.96 31.88
N THR A 95 2.29 -13.80 32.36
CA THR A 95 3.27 -14.85 32.45
C THR A 95 3.59 -14.97 33.94
N PRO A 96 4.53 -15.86 34.31
CA PRO A 96 4.97 -15.79 35.71
C PRO A 96 5.63 -14.45 35.98
N VAL A 97 5.31 -13.82 37.10
CA VAL A 97 5.71 -12.44 37.35
C VAL A 97 6.48 -12.24 38.64
N GLN A 98 7.55 -11.44 38.56
CA GLN A 98 8.24 -10.91 39.74
C GLN A 98 8.05 -9.41 39.77
N LEU A 99 7.61 -8.88 40.90
CA LEU A 99 7.41 -7.45 41.07
C LEU A 99 7.71 -6.98 42.50
N PHE A 100 7.98 -5.69 42.63
CA PHE A 100 7.94 -5.00 43.93
C PHE A 100 6.65 -4.21 44.01
N SER A 101 6.05 -4.18 45.18
CA SER A 101 4.93 -3.26 45.46
C SER A 101 5.28 -2.42 46.67
N VAL A 102 4.76 -1.20 46.71
CA VAL A 102 4.98 -0.29 47.83
C VAL A 102 3.67 0.43 48.15
N PRO A 103 3.33 0.54 49.45
CA PRO A 103 2.22 1.43 49.77
C PRO A 103 2.52 2.86 49.37
N ILE A 104 1.49 3.62 49.04
CA ILE A 104 1.70 5.01 48.63
C ILE A 104 2.47 5.79 49.67
N GLU A 105 2.07 5.63 50.92
CA GLU A 105 2.56 6.50 52.00
C GLU A 105 4.07 6.40 52.13
N PHE A 106 4.59 5.17 52.11
CA PHE A 106 6.04 4.94 52.08
C PHE A 106 6.68 5.62 50.89
N MET A 107 6.00 5.59 49.75
CA MET A 107 6.55 6.13 48.50
C MET A 107 6.46 7.65 48.46
N GLN A 108 5.29 8.18 48.80
CA GLN A 108 5.11 9.63 48.90
C GLN A 108 6.13 10.22 49.89
N LYS A 109 6.17 9.64 51.09
CA LYS A 109 7.12 10.03 52.12
C LYS A 109 8.56 9.96 51.58
N ALA A 110 8.94 8.79 51.07
CA ALA A 110 10.29 8.57 50.54
C ALA A 110 10.70 9.70 49.61
N LEU A 111 9.83 10.04 48.67
CA LEU A 111 10.05 11.10 47.69
C LEU A 111 10.12 12.50 48.31
N ILE A 112 9.47 12.68 49.46
CA ILE A 112 9.49 13.95 50.18
C ILE A 112 10.73 14.05 51.10
N GLU A 113 11.11 12.92 51.69
CA GLU A 113 12.31 12.83 52.53
C GLU A 113 13.57 12.85 51.66
N ARG A 114 13.59 11.98 50.64
CA ARG A 114 14.69 11.89 49.68
C ARG A 114 14.19 12.28 48.27
N PRO A 115 14.15 13.60 47.96
CA PRO A 115 13.62 14.04 46.67
C PRO A 115 14.65 14.06 45.53
N GLU A 116 15.35 12.94 45.34
CA GLU A 116 16.18 12.71 44.15
C GLU A 116 15.72 11.47 43.40
N LEU A 117 14.79 10.72 43.99
CA LEU A 117 14.31 9.47 43.40
C LEU A 117 13.13 9.73 42.47
N ALA A 118 12.84 11.01 42.23
CA ALA A 118 11.66 11.42 41.47
C ALA A 118 11.92 11.43 39.97
N ASN A 119 13.16 11.73 39.60
CA ASN A 119 13.63 11.72 38.21
C ASN A 119 13.35 10.39 37.51
N VAL A 120 13.56 9.29 38.24
CA VAL A 120 13.41 7.94 37.68
C VAL A 120 11.94 7.59 37.50
N MET A 121 11.14 7.97 38.49
CA MET A 121 9.70 7.83 38.43
C MET A 121 9.11 8.68 37.29
N LEU A 122 9.59 9.91 37.16
CA LEU A 122 9.16 10.79 36.08
C LEU A 122 9.48 10.20 34.71
N GLN A 123 10.63 9.54 34.59
CA GLN A 123 11.00 8.87 33.36
C GLN A 123 10.17 7.61 33.18
N GLY A 124 9.97 6.88 34.27
CA GLY A 124 9.14 5.69 34.23
C GLY A 124 7.74 5.98 33.76
N LEU A 125 7.12 7.00 34.33
CA LEU A 125 5.78 7.41 33.94
C LEU A 125 5.77 7.98 32.53
N SER A 126 6.78 8.77 32.17
CA SER A 126 6.89 9.28 30.79
C SER A 126 6.91 8.13 29.80
N SER A 127 7.65 7.08 30.13
CA SER A 127 7.76 5.93 29.25
C SER A 127 6.39 5.29 29.00
N ARG A 128 5.63 5.12 30.06
CA ARG A 128 4.30 4.54 29.98
C ARG A 128 3.35 5.37 29.15
N ILE A 129 3.55 6.70 29.16
CA ILE A 129 2.75 7.57 28.32
C ILE A 129 3.13 7.28 26.86
N LEU A 130 4.42 7.25 26.59
CA LEU A 130 4.89 6.97 25.26
C LEU A 130 4.46 5.59 24.76
N GLN A 131 4.41 4.62 25.68
CA GLN A 131 4.05 3.25 25.32
C GLN A 131 2.56 3.09 25.11
N THR A 132 1.76 3.76 25.93
CA THR A 132 0.32 3.73 25.75
C THR A 132 -0.06 4.39 24.42
N GLU A 133 0.70 5.41 24.04
CA GLU A 133 0.46 6.13 22.80
C GLU A 133 0.77 5.26 21.61
N MET A 134 1.67 4.30 21.78
CA MET A 134 1.92 3.33 20.73
C MET A 134 0.69 2.48 20.47
N MET A 135 0.04 2.07 21.55
CA MET A 135 -1.12 1.23 21.47
C MET A 135 -2.27 1.99 20.81
N ILE A 136 -2.27 3.31 20.96
CA ILE A 136 -3.24 4.12 20.22
C ILE A 136 -2.90 4.11 18.73
N GLU A 137 -1.63 4.23 18.38
CA GLU A 137 -1.24 4.17 16.97
C GLU A 137 -1.75 2.88 16.35
N THR A 138 -1.71 1.82 17.14
CA THR A 138 -2.11 0.51 16.66
C THR A 138 -3.64 0.51 16.43
N LEU A 139 -4.40 0.57 17.52
CA LEU A 139 -5.87 0.57 17.46
C LEU A 139 -6.46 1.63 16.52
N ALA A 140 -5.66 2.66 16.22
CA ALA A 140 -6.02 3.72 15.29
C ALA A 140 -6.24 3.23 13.88
N HIS A 141 -5.42 2.27 13.45
CA HIS A 141 -5.55 1.72 12.10
C HIS A 141 -6.94 1.18 11.85
N ARG A 142 -7.49 1.52 10.71
CA ARG A 142 -8.82 1.04 10.32
C ARG A 142 -8.73 -0.41 9.84
N ASP A 143 -7.54 -0.81 9.39
CA ASP A 143 -7.34 -2.11 8.78
C ASP A 143 -6.90 -3.13 9.83
N MET A 144 -7.60 -4.25 9.95
CA MET A 144 -7.29 -5.17 11.04
C MET A 144 -5.92 -5.80 10.88
N GLY A 145 -5.53 -6.10 9.64
CA GLY A 145 -4.21 -6.65 9.38
C GLY A 145 -3.11 -5.73 9.86
N SER A 146 -3.27 -4.42 9.62
CA SER A 146 -2.28 -3.45 10.06
C SER A 146 -2.17 -3.43 11.57
N ARG A 147 -3.32 -3.43 12.24
CA ARG A 147 -3.35 -3.60 13.69
C ARG A 147 -2.53 -4.79 14.17
N LEU A 148 -2.76 -5.95 13.57
CA LEU A 148 -2.02 -7.14 13.94
C LEU A 148 -0.53 -6.87 13.82
N VAL A 149 -0.11 -6.53 12.61
CA VAL A 149 1.30 -6.28 12.34
C VAL A 149 1.85 -5.26 13.35
N SER A 150 1.11 -4.17 13.52
CA SER A 150 1.52 -3.11 14.45
C SER A 150 1.70 -3.69 15.86
N PHE A 151 0.71 -4.45 16.30
CA PHE A 151 0.75 -5.05 17.61
C PHE A 151 1.92 -6.03 17.71
N LEU A 152 2.03 -6.93 16.74
CA LEU A 152 3.15 -7.90 16.73
C LEU A 152 4.50 -7.18 16.86
N LEU A 153 4.68 -6.10 16.13
CA LEU A 153 5.93 -5.34 16.18
C LEU A 153 6.20 -4.79 17.58
N ILE A 154 5.17 -4.28 18.25
CA ILE A 154 5.34 -3.79 19.62
C ILE A 154 5.85 -4.95 20.47
N LEU A 155 5.21 -6.11 20.33
CA LEU A 155 5.57 -7.27 21.13
C LEU A 155 7.00 -7.74 20.89
N CYS A 156 7.52 -7.46 19.69
CA CYS A 156 8.91 -7.78 19.37
C CYS A 156 9.89 -6.89 20.12
N ARG A 157 9.58 -5.60 20.24
CA ARG A 157 10.41 -4.67 21.01
C ARG A 157 10.34 -5.05 22.48
N ASP A 158 9.12 -5.27 22.94
CA ASP A 158 8.82 -5.39 24.36
C ASP A 158 9.17 -6.76 24.91
N PHE A 159 8.87 -7.83 24.17
CA PHE A 159 9.08 -9.20 24.67
C PHE A 159 9.89 -10.07 23.71
N GLY A 160 10.61 -9.43 22.81
CA GLY A 160 11.35 -10.16 21.78
C GLY A 160 12.66 -10.75 22.24
N ILE A 161 12.94 -11.95 21.74
CA ILE A 161 14.25 -12.60 21.83
C ILE A 161 14.85 -12.50 20.43
N PRO A 162 16.18 -12.39 20.33
CA PRO A 162 16.80 -12.42 19.01
C PRO A 162 16.67 -13.80 18.35
N SER A 163 16.94 -13.84 17.05
CA SER A 163 16.76 -15.04 16.23
C SER A 163 17.25 -14.79 14.79
N PRO A 164 17.92 -15.79 14.18
CA PRO A 164 18.65 -15.61 12.90
C PRO A 164 17.91 -14.71 11.87
N ASP A 165 16.69 -15.06 11.51
CA ASP A 165 15.95 -14.31 10.50
C ASP A 165 15.08 -13.17 11.06
N GLY A 166 14.95 -13.03 12.38
CA GLY A 166 14.04 -12.03 12.94
C GLY A 166 13.98 -11.96 14.44
N ILE A 167 12.77 -12.03 15.01
CA ILE A 167 12.55 -11.87 16.46
C ILE A 167 11.42 -12.77 16.99
N THR A 168 11.59 -13.36 18.19
CA THR A 168 10.59 -14.26 18.77
C THR A 168 9.93 -13.63 19.98
N ILE A 169 8.65 -13.32 19.85
CA ILE A 169 7.88 -12.79 20.95
C ILE A 169 7.83 -13.87 22.02
N ASP A 170 8.35 -13.55 23.20
CA ASP A 170 8.54 -14.51 24.26
C ASP A 170 7.33 -14.59 25.18
N LEU A 171 6.16 -14.88 24.61
CA LEU A 171 4.92 -14.98 25.36
C LEU A 171 4.08 -16.15 24.81
N LYS A 172 3.38 -16.84 25.70
CA LYS A 172 2.30 -17.74 25.26
C LYS A 172 1.09 -16.85 24.92
N LEU A 173 0.92 -16.59 23.63
CA LEU A 173 -0.15 -15.71 23.14
C LEU A 173 -1.25 -16.51 22.50
N SER A 174 -2.39 -16.63 23.17
CA SER A 174 -3.58 -17.17 22.54
C SER A 174 -4.10 -16.17 21.51
N HIS A 175 -4.77 -16.66 20.47
CA HIS A 175 -5.33 -15.78 19.45
C HIS A 175 -6.41 -14.94 20.11
N GLN A 176 -7.06 -15.53 21.12
CA GLN A 176 -8.06 -14.83 21.92
C GLN A 176 -7.44 -13.63 22.64
N ALA A 177 -6.27 -13.85 23.23
CA ALA A 177 -5.49 -12.77 23.85
C ALA A 177 -5.20 -11.67 22.85
N ILE A 178 -4.68 -12.05 21.69
CA ILE A 178 -4.37 -11.09 20.63
C ILE A 178 -5.66 -10.33 20.27
N ALA A 179 -6.77 -11.07 20.20
CA ALA A 179 -8.06 -10.49 19.84
C ALA A 179 -8.44 -9.36 20.80
N GLU A 180 -8.24 -9.62 22.09
CA GLU A 180 -8.63 -8.67 23.12
C GLU A 180 -7.70 -7.48 23.23
N ALA A 181 -6.55 -7.52 22.55
CA ALA A 181 -5.58 -6.41 22.57
C ALA A 181 -5.77 -5.49 21.39
N ILE A 182 -6.08 -6.07 20.24
CA ILE A 182 -6.21 -5.31 18.99
C ILE A 182 -7.68 -5.01 18.62
N GLY A 183 -8.61 -5.38 19.49
CA GLY A 183 -10.01 -5.00 19.31
C GLY A 183 -10.67 -5.79 18.22
N SER A 184 -10.38 -7.08 18.18
CA SER A 184 -10.91 -7.97 17.14
C SER A 184 -11.48 -9.22 17.78
N THR A 185 -11.68 -10.23 16.95
CA THR A 185 -12.22 -11.51 17.38
C THR A 185 -11.25 -12.63 17.01
N ARG A 186 -11.39 -13.74 17.73
CA ARG A 186 -10.47 -14.87 17.61
C ARG A 186 -10.40 -15.42 16.19
N VAL A 187 -11.56 -15.53 15.55
CA VAL A 187 -11.64 -16.00 14.17
C VAL A 187 -10.80 -15.17 13.22
N THR A 188 -10.82 -13.86 13.38
CA THR A 188 -10.08 -12.99 12.46
C THR A 188 -8.55 -13.08 12.65
N VAL A 189 -8.12 -13.18 13.91
CA VAL A 189 -6.70 -13.29 14.26
C VAL A 189 -6.11 -14.55 13.67
N THR A 190 -6.80 -15.66 13.92
CA THR A 190 -6.38 -16.97 13.43
C THR A 190 -6.26 -16.94 11.91
N ARG A 191 -7.20 -16.27 11.27
CA ARG A 191 -7.18 -16.09 9.83
C ARG A 191 -6.02 -15.22 9.37
N LEU A 192 -5.87 -14.04 9.97
CA LEU A 192 -4.86 -13.08 9.53
C LEU A 192 -3.43 -13.57 9.77
N LEU A 193 -3.24 -14.30 10.87
CA LEU A 193 -1.97 -14.94 11.17
C LEU A 193 -1.65 -15.95 10.08
N GLY A 194 -2.66 -16.70 9.66
CA GLY A 194 -2.52 -17.62 8.55
C GLY A 194 -2.00 -16.93 7.30
N ASP A 195 -2.69 -15.87 6.89
CA ASP A 195 -2.29 -15.10 5.71
C ASP A 195 -0.88 -14.55 5.88
N LEU A 196 -0.56 -14.11 7.09
CA LEU A 196 0.77 -13.61 7.40
C LEU A 196 1.77 -14.75 7.27
N ARG A 197 1.41 -15.90 7.83
CA ARG A 197 2.28 -17.05 7.79
C ARG A 197 2.47 -17.46 6.33
N GLU A 198 1.37 -17.79 5.65
CA GLU A 198 1.43 -18.19 4.26
C GLU A 198 2.14 -17.20 3.31
N SER A 199 2.40 -15.98 3.78
CA SER A 199 3.25 -15.03 3.03
C SER A 199 4.73 -15.11 3.42
N LYS A 200 5.06 -16.08 4.28
CA LYS A 200 6.42 -16.28 4.74
C LYS A 200 6.90 -15.02 5.45
N LEU A 201 6.07 -14.51 6.36
CA LEU A 201 6.41 -13.31 7.15
C LEU A 201 6.54 -13.57 8.66
N ILE A 202 5.83 -14.55 9.18
CA ILE A 202 6.03 -15.00 10.55
C ILE A 202 6.07 -16.52 10.60
N ALA A 203 6.32 -17.07 11.79
CA ALA A 203 6.24 -18.49 12.03
C ALA A 203 5.75 -18.72 13.43
N ILE A 204 5.09 -19.85 13.61
CA ILE A 204 4.62 -20.23 14.91
C ILE A 204 5.27 -21.58 15.17
N HIS A 205 6.31 -21.57 16.00
CA HIS A 205 7.09 -22.77 16.31
C HIS A 205 7.18 -22.91 17.83
N LYS A 206 6.94 -24.12 18.33
CA LYS A 206 6.82 -24.35 19.77
C LYS A 206 5.99 -23.23 20.40
N LYS A 207 4.76 -23.08 19.92
CA LYS A 207 3.75 -22.18 20.49
C LYS A 207 4.10 -20.67 20.61
N ARG A 208 5.15 -20.23 19.91
CA ARG A 208 5.60 -18.84 20.01
C ARG A 208 5.63 -18.19 18.66
N ILE A 209 5.21 -16.92 18.57
CA ILE A 209 5.24 -16.26 17.29
C ILE A 209 6.63 -15.71 17.04
N THR A 210 7.17 -15.97 15.86
CA THR A 210 8.44 -15.39 15.45
C THR A 210 8.17 -14.56 14.21
N VAL A 211 8.55 -13.29 14.23
CA VAL A 211 8.37 -12.46 13.03
C VAL A 211 9.73 -12.25 12.39
N PHE A 212 9.87 -12.69 11.14
CA PHE A 212 11.14 -12.60 10.44
C PHE A 212 11.35 -11.16 10.02
N ASN A 213 12.57 -10.69 10.12
CA ASN A 213 12.96 -9.38 9.64
C ASN A 213 11.89 -8.31 9.88
N PRO A 214 11.66 -7.96 11.14
CA PRO A 214 10.64 -6.97 11.45
C PRO A 214 10.86 -5.59 10.79
N VAL A 215 12.07 -5.04 10.83
CA VAL A 215 12.35 -3.72 10.23
C VAL A 215 11.81 -3.56 8.80
N ALA A 216 12.00 -4.59 7.98
CA ALA A 216 11.39 -4.67 6.65
C ALA A 216 9.90 -4.41 6.76
N LEU A 217 9.28 -5.20 7.63
CA LEU A 217 7.84 -5.18 7.86
C LEU A 217 7.36 -3.91 8.54
N SER A 218 8.21 -3.27 9.34
CA SER A 218 7.83 -2.00 9.97
C SER A 218 7.78 -0.85 8.96
N GLN A 219 8.35 -1.04 7.77
CA GLN A 219 8.20 -0.06 6.69
C GLN A 219 6.81 -0.09 6.06
N GLN A 220 6.06 -1.18 6.24
CA GLN A 220 4.59 -1.20 6.02
C GLN A 220 3.89 0.06 6.53
N PHE A 221 4.32 0.60 7.67
CA PHE A 221 3.75 1.84 8.19
C PHE A 221 4.49 3.03 7.64
N SER A 222 5.70 3.25 8.16
CA SER A 222 6.48 4.42 7.79
C SER A 222 7.95 4.27 8.24
N ASN B 6 -4.94 23.19 39.54
CA ASN B 6 -4.26 24.49 39.79
C ASN B 6 -2.75 24.28 39.97
N SER B 7 -2.38 23.52 41.00
CA SER B 7 -0.97 23.26 41.40
C SER B 7 0.11 23.32 40.33
N LEU B 8 -0.15 22.72 39.17
CA LEU B 8 0.88 22.60 38.12
C LEU B 8 1.30 23.96 37.58
N LEU B 9 0.32 24.81 37.31
CA LEU B 9 0.55 26.23 36.97
C LEU B 9 1.57 26.88 37.92
N THR B 10 1.30 26.73 39.21
CA THR B 10 2.08 27.40 40.25
C THR B 10 3.51 26.83 40.35
N MET B 11 3.70 25.56 40.00
CA MET B 11 5.03 24.94 39.89
C MET B 11 5.82 25.49 38.70
N PHE B 12 5.22 25.38 37.52
CA PHE B 12 5.85 25.81 36.26
C PHE B 12 6.24 27.27 36.25
N ARG B 13 5.27 28.13 36.58
CA ARG B 13 5.47 29.60 36.63
C ARG B 13 6.81 29.98 37.24
N GLU B 14 7.04 29.49 38.46
CA GLU B 14 8.22 29.85 39.24
C GLU B 14 9.50 29.35 38.58
N LEU B 15 9.38 28.23 37.86
CA LEU B 15 10.47 27.68 37.06
C LEU B 15 10.85 28.62 35.91
N LYS B 19 16.28 32.35 37.75
CA LYS B 19 16.00 33.47 38.64
C LYS B 19 14.90 34.42 38.11
N LEU B 20 14.73 34.50 36.78
CA LEU B 20 13.64 35.28 36.15
C LEU B 20 12.36 34.44 35.96
N PRO B 21 11.19 35.09 35.95
CA PRO B 21 9.92 34.37 35.79
C PRO B 21 9.75 33.76 34.41
N LEU B 22 8.88 32.76 34.31
CA LEU B 22 8.64 32.08 33.03
C LEU B 22 7.45 32.73 32.32
N GLN B 23 7.66 33.14 31.08
CA GLN B 23 6.64 33.82 30.29
C GLN B 23 5.74 32.80 29.60
N ILE B 24 4.46 33.13 29.52
CA ILE B 24 3.48 32.28 28.86
C ILE B 24 3.68 32.50 27.37
N GLU B 25 3.50 31.44 26.58
CA GLU B 25 3.65 31.54 25.13
C GLU B 25 2.29 31.47 24.48
N GLN B 26 2.08 32.30 23.47
CA GLN B 26 0.88 32.23 22.66
C GLN B 26 1.11 31.40 21.41
N PHE B 27 0.06 30.71 20.98
CA PHE B 27 0.10 29.91 19.77
C PHE B 27 -1.25 30.03 19.07
N GLU B 28 -1.25 30.59 17.87
CA GLU B 28 -2.46 30.75 17.07
C GLU B 28 -3.01 29.37 16.73
N ARG B 29 -4.31 29.26 16.47
CA ARG B 29 -4.87 27.97 16.04
C ARG B 29 -4.08 27.49 14.85
N GLY B 30 -3.71 26.21 14.87
CA GLY B 30 -3.02 25.57 13.74
C GLY B 30 -1.50 25.66 13.76
N LYS B 31 -0.95 26.56 14.56
CA LYS B 31 0.52 26.71 14.73
C LYS B 31 1.17 25.49 15.39
N THR B 32 2.34 25.07 14.89
CA THR B 32 3.05 23.89 15.42
C THR B 32 3.83 24.22 16.69
N ILE B 33 3.74 23.35 17.68
CA ILE B 33 4.53 23.45 18.90
C ILE B 33 5.80 22.64 18.70
N PHE B 34 5.70 21.44 18.16
CA PHE B 34 6.88 20.74 17.62
C PHE B 34 6.60 19.79 16.46
N PHE B 35 7.58 19.74 15.54
CA PHE B 35 7.57 18.90 14.34
C PHE B 35 8.30 17.60 14.61
N PRO B 36 7.82 16.48 14.04
CA PRO B 36 8.64 15.29 14.08
C PRO B 36 10.00 15.63 13.52
N GLY B 37 11.05 15.29 14.25
CA GLY B 37 12.42 15.53 13.83
C GLY B 37 13.19 16.44 14.75
N ASP B 38 12.51 17.39 15.38
CA ASP B 38 13.15 18.31 16.31
C ASP B 38 13.71 17.57 17.52
N PRO B 39 14.85 18.02 18.05
CA PRO B 39 15.35 17.49 19.30
C PRO B 39 14.33 17.64 20.42
N ALA B 40 14.19 16.59 21.22
CA ALA B 40 13.23 16.57 22.34
C ALA B 40 13.85 17.24 23.57
N GLU B 41 14.05 18.55 23.48
CA GLU B 41 14.78 19.34 24.49
C GLU B 41 13.91 19.98 25.57
N ARG B 42 12.59 19.76 25.51
CA ARG B 42 11.65 20.56 26.32
C ARG B 42 10.48 19.78 26.89
N VAL B 43 9.96 20.29 28.01
CA VAL B 43 8.69 19.85 28.61
C VAL B 43 7.74 21.03 28.55
N TYR B 44 6.43 20.76 28.50
CA TYR B 44 5.42 21.81 28.39
C TYR B 44 4.28 21.61 29.37
N LEU B 45 3.64 22.73 29.71
CA LEU B 45 2.40 22.72 30.46
C LEU B 45 1.40 23.50 29.66
N LEU B 46 0.36 22.82 29.21
CA LEU B 46 -0.70 23.48 28.45
C LEU B 46 -1.57 24.21 29.45
N VAL B 47 -1.61 25.53 29.34
CA VAL B 47 -2.34 26.36 30.31
C VAL B 47 -3.77 26.64 29.86
N LYS B 48 -3.94 27.10 28.62
CA LYS B 48 -5.25 27.33 28.00
C LYS B 48 -5.27 26.82 26.57
N GLY B 49 -6.37 26.18 26.20
CA GLY B 49 -6.59 25.68 24.85
C GLY B 49 -6.48 24.17 24.73
N ALA B 50 -6.36 23.69 23.50
CA ALA B 50 -6.21 22.27 23.24
C ALA B 50 -5.05 22.03 22.30
N VAL B 51 -4.24 21.03 22.62
CA VAL B 51 -3.11 20.65 21.78
C VAL B 51 -3.32 19.24 21.24
N LYS B 52 -3.09 19.06 19.96
CA LYS B 52 -3.29 17.79 19.29
C LYS B 52 -1.96 17.15 18.95
N LEU B 53 -1.66 16.03 19.59
CA LEU B 53 -0.52 15.19 19.22
C LEU B 53 -0.95 14.25 18.09
N SER B 54 -0.24 14.31 16.97
CA SER B 54 -0.55 13.47 15.81
C SER B 54 0.67 12.71 15.30
N ARG B 55 0.40 11.54 14.72
CA ARG B 55 1.41 10.73 14.06
C ARG B 55 1.18 10.82 12.57
N VAL B 56 2.17 11.32 11.84
CA VAL B 56 2.09 11.47 10.40
C VAL B 56 2.71 10.26 9.71
N TYR B 57 1.98 9.65 8.77
CA TYR B 57 2.50 8.55 7.96
C TYR B 57 3.14 9.06 6.67
N GLU B 58 4.16 8.35 6.19
CA GLU B 58 4.76 8.72 4.90
C GLU B 58 3.70 8.66 3.80
N SER B 59 2.65 7.90 4.06
CA SER B 59 1.52 7.76 3.14
C SER B 59 0.71 9.04 2.96
N GLY B 60 0.92 10.02 3.83
CA GLY B 60 0.19 11.27 3.81
C GLY B 60 -0.80 11.38 4.96
N GLU B 61 -1.43 10.26 5.32
CA GLU B 61 -2.49 10.23 6.35
C GLU B 61 -1.95 10.54 7.74
N GLU B 62 -2.79 11.18 8.56
CA GLU B 62 -2.48 11.49 9.95
C GLU B 62 -3.41 10.73 10.91
N ILE B 63 -2.91 10.42 12.10
CA ILE B 63 -3.72 9.82 13.15
C ILE B 63 -3.55 10.63 14.44
N THR B 64 -4.65 10.92 15.13
CA THR B 64 -4.56 11.68 16.37
C THR B 64 -4.27 10.74 17.53
N VAL B 65 -3.12 10.93 18.15
CA VAL B 65 -2.69 10.17 19.32
C VAL B 65 -3.31 10.71 20.62
N ALA B 66 -3.52 12.01 20.68
CA ALA B 66 -4.05 12.66 21.89
C ALA B 66 -4.51 14.08 21.61
N LEU B 67 -5.74 14.40 22.01
CA LEU B 67 -6.17 15.78 22.15
C LEU B 67 -6.01 16.08 23.63
N LEU B 68 -5.04 16.92 23.97
CA LEU B 68 -4.72 17.22 25.35
C LEU B 68 -5.57 18.39 25.82
N ARG B 69 -6.04 18.33 27.08
CA ARG B 69 -6.81 19.45 27.67
C ARG B 69 -5.98 20.31 28.61
N GLU B 70 -6.61 21.31 29.21
CA GLU B 70 -5.88 22.31 30.00
C GLU B 70 -5.20 21.68 31.22
N ASN B 71 -4.14 22.32 31.70
CA ASN B 71 -3.30 21.83 32.80
C ASN B 71 -2.69 20.46 32.54
N SER B 72 -2.27 20.20 31.31
CA SER B 72 -1.63 18.93 30.96
C SER B 72 -0.14 19.14 30.73
N VAL B 73 0.69 18.26 31.28
CA VAL B 73 2.10 18.22 30.93
C VAL B 73 2.24 17.41 29.65
N PHE B 74 2.98 17.92 28.69
CA PHE B 74 3.30 17.12 27.50
C PHE B 74 4.71 17.40 27.04
N GLY B 75 5.11 16.78 25.93
CA GLY B 75 6.51 16.77 25.51
C GLY B 75 7.30 15.73 26.31
N VAL B 76 6.56 14.91 27.04
CA VAL B 76 7.11 13.99 28.04
C VAL B 76 8.31 13.14 27.60
N LEU B 77 8.53 12.97 26.29
CA LEU B 77 9.71 12.25 25.80
C LEU B 77 11.01 12.85 26.32
N SER B 78 11.06 14.17 26.45
CA SER B 78 12.27 14.84 26.90
C SER B 78 12.79 14.33 28.26
N LEU B 79 11.89 13.94 29.15
CA LEU B 79 12.28 13.41 30.47
C LEU B 79 13.10 12.12 30.40
N LEU B 80 12.88 11.30 29.38
CA LEU B 80 13.73 10.11 29.16
C LEU B 80 15.14 10.54 28.76
N THR B 81 16.11 10.26 29.63
CA THR B 81 17.48 10.76 29.43
C THR B 81 18.36 9.74 28.68
N GLY B 82 19.28 10.25 27.85
CA GLY B 82 20.21 9.40 27.10
C GLY B 82 20.72 10.04 25.83
N ARG B 84 20.22 13.13 23.76
CA ARG B 84 18.78 13.35 23.71
C ARG B 84 18.13 12.44 22.68
N SER B 85 16.85 12.72 22.37
CA SER B 85 16.08 11.99 21.36
C SER B 85 15.40 12.98 20.42
N ASP B 86 14.78 12.46 19.37
CA ASP B 86 14.00 13.26 18.45
C ASP B 86 12.52 13.00 18.61
N ARG B 87 11.76 14.07 18.52
CA ARG B 87 10.31 14.01 18.40
C ARG B 87 9.92 13.07 17.24
N PHE B 88 8.88 12.28 17.46
CA PHE B 88 8.27 11.49 16.40
C PHE B 88 6.79 11.86 16.20
N TYR B 89 6.23 12.67 17.09
CA TYR B 89 4.86 13.13 16.90
C TYR B 89 4.88 14.59 16.46
N HIS B 90 3.71 15.07 16.05
CA HIS B 90 3.51 16.44 15.64
C HIS B 90 2.60 17.15 16.63
N ALA B 91 3.14 18.13 17.35
CA ALA B 91 2.39 18.88 18.36
C ALA B 91 1.83 20.16 17.76
N VAL B 92 0.50 20.30 17.72
CA VAL B 92 -0.17 21.45 17.07
C VAL B 92 -1.20 22.11 17.97
N ALA B 93 -1.29 23.43 17.87
CA ALA B 93 -2.34 24.17 18.56
C ALA B 93 -3.67 23.88 17.87
N PHE B 94 -4.53 23.10 18.51
CA PHE B 94 -5.79 22.71 17.89
C PHE B 94 -6.76 23.86 17.93
N THR B 95 -6.70 24.57 19.04
CA THR B 95 -7.41 25.84 19.22
C THR B 95 -6.32 26.87 19.48
N PRO B 96 -6.71 28.12 19.73
CA PRO B 96 -5.66 29.02 20.20
C PRO B 96 -5.08 28.53 21.55
N VAL B 97 -3.77 28.57 21.71
CA VAL B 97 -3.14 27.94 22.86
C VAL B 97 -2.26 28.88 23.65
N GLN B 98 -2.37 28.79 24.98
CA GLN B 98 -1.39 29.37 25.89
C GLN B 98 -0.70 28.24 26.63
N LEU B 99 0.63 28.25 26.64
CA LEU B 99 1.42 27.25 27.33
C LEU B 99 2.71 27.83 27.91
N PHE B 100 3.27 27.13 28.90
CA PHE B 100 4.65 27.31 29.34
C PHE B 100 5.51 26.19 28.76
N SER B 101 6.72 26.51 28.34
CA SER B 101 7.70 25.48 28.01
C SER B 101 8.94 25.71 28.85
N VAL B 102 9.67 24.64 29.14
CA VAL B 102 10.91 24.73 29.91
C VAL B 102 11.92 23.77 29.29
N PRO B 103 13.18 24.21 29.15
CA PRO B 103 14.21 23.24 28.80
C PRO B 103 14.34 22.17 29.90
N ILE B 104 14.65 20.94 29.49
CA ILE B 104 14.60 19.80 30.38
C ILE B 104 15.40 20.08 31.66
N GLU B 105 16.63 20.58 31.50
CA GLU B 105 17.58 20.70 32.62
C GLU B 105 17.00 21.53 33.77
N PHE B 106 16.38 22.66 33.44
CA PHE B 106 15.73 23.51 34.43
C PHE B 106 14.71 22.73 35.27
N MET B 107 14.00 21.80 34.62
CA MET B 107 13.02 20.96 35.33
C MET B 107 13.69 19.97 36.30
N GLN B 108 14.86 19.46 35.92
CA GLN B 108 15.55 18.49 36.76
C GLN B 108 15.91 19.14 38.08
N LYS B 109 16.51 20.32 37.98
CA LYS B 109 16.96 21.07 39.15
C LYS B 109 15.78 21.62 39.93
N ALA B 110 14.88 22.32 39.24
CA ALA B 110 13.69 22.91 39.87
C ALA B 110 12.89 21.91 40.70
N LEU B 111 12.76 20.67 40.20
CA LEU B 111 12.12 19.58 40.96
C LEU B 111 12.97 19.21 42.19
N ILE B 112 14.25 18.91 41.96
CA ILE B 112 15.20 18.62 43.04
C ILE B 112 15.03 19.61 44.20
N GLU B 113 15.17 20.89 43.87
CA GLU B 113 15.27 21.96 44.88
C GLU B 113 13.94 22.28 45.57
N ARG B 114 12.93 22.70 44.79
CA ARG B 114 11.57 22.88 45.30
C ARG B 114 10.92 21.49 45.39
N PRO B 115 11.02 20.82 46.55
CA PRO B 115 10.85 19.37 46.60
C PRO B 115 9.39 18.90 46.54
N GLU B 116 8.51 19.57 47.28
CA GLU B 116 7.07 19.30 47.25
C GLU B 116 6.54 18.92 45.88
N LEU B 117 7.09 19.51 44.82
CA LEU B 117 6.46 19.53 43.47
C LEU B 117 6.82 18.42 42.45
N ALA B 118 7.82 17.56 42.71
CA ALA B 118 7.95 16.34 41.92
C ALA B 118 6.61 15.57 42.04
N ASN B 119 5.93 15.74 43.17
CA ASN B 119 4.61 15.17 43.39
C ASN B 119 3.57 15.70 42.42
N VAL B 120 3.69 16.97 42.02
CA VAL B 120 2.74 17.57 41.08
C VAL B 120 2.96 17.02 39.68
N MET B 121 4.22 16.90 39.29
CA MET B 121 4.62 16.25 38.04
C MET B 121 4.25 14.77 38.00
N LEU B 122 4.44 14.08 39.12
CA LEU B 122 4.04 12.68 39.24
C LEU B 122 2.52 12.50 39.11
N GLN B 123 1.75 13.44 39.64
CA GLN B 123 0.31 13.41 39.47
C GLN B 123 -0.06 13.80 38.05
N GLY B 124 0.61 14.81 37.52
CA GLY B 124 0.39 15.24 36.14
C GLY B 124 0.58 14.11 35.15
N LEU B 125 1.71 13.42 35.28
CA LEU B 125 2.02 12.27 34.42
C LEU B 125 1.08 11.06 34.68
N SER B 126 0.74 10.81 35.93
CA SER B 126 -0.24 9.79 36.25
C SER B 126 -1.57 10.09 35.54
N SER B 127 -1.97 11.35 35.55
CA SER B 127 -3.23 11.73 34.93
C SER B 127 -3.19 11.36 33.45
N ARG B 128 -2.11 11.70 32.78
CA ARG B 128 -1.96 11.42 31.34
C ARG B 128 -1.97 9.93 30.98
N ILE B 129 -1.31 9.08 31.78
CA ILE B 129 -1.35 7.64 31.50
C ILE B 129 -2.80 7.17 31.44
N LEU B 130 -3.58 7.52 32.46
CA LEU B 130 -4.97 7.04 32.57
C LEU B 130 -5.83 7.56 31.43
N GLN B 131 -5.62 8.81 31.08
CA GLN B 131 -6.38 9.41 30.00
C GLN B 131 -6.16 8.67 28.69
N THR B 132 -4.92 8.29 28.43
CA THR B 132 -4.59 7.58 27.23
C THR B 132 -5.27 6.23 27.27
N GLU B 133 -5.26 5.59 28.44
CA GLU B 133 -5.88 4.28 28.58
C GLU B 133 -7.38 4.37 28.33
N MET B 134 -7.98 5.50 28.69
CA MET B 134 -9.36 5.80 28.28
C MET B 134 -9.49 5.81 26.76
N MET B 135 -8.57 6.48 26.09
CA MET B 135 -8.64 6.55 24.64
C MET B 135 -8.52 5.15 23.99
N ILE B 136 -7.67 4.29 24.53
CA ILE B 136 -7.58 2.92 24.06
C ILE B 136 -8.93 2.22 24.15
N GLU B 137 -9.58 2.34 25.31
CA GLU B 137 -10.88 1.71 25.52
C GLU B 137 -11.86 2.19 24.49
N THR B 138 -11.75 3.48 24.16
CA THR B 138 -12.60 4.07 23.16
C THR B 138 -12.29 3.44 21.80
N LEU B 139 -11.02 3.46 21.40
CA LEU B 139 -10.62 2.88 20.11
C LEU B 139 -10.88 1.36 19.95
N ALA B 140 -11.19 0.65 21.03
CA ALA B 140 -11.31 -0.81 21.01
C ALA B 140 -12.72 -1.31 20.72
N HIS B 141 -13.73 -0.47 21.00
CA HIS B 141 -15.11 -0.83 20.69
C HIS B 141 -15.20 -1.29 19.24
N ARG B 142 -15.83 -2.44 19.02
CA ARG B 142 -15.91 -2.99 17.67
C ARG B 142 -16.82 -2.15 16.79
N ASP B 143 -17.91 -1.64 17.35
CA ASP B 143 -18.85 -0.87 16.56
C ASP B 143 -18.60 0.64 16.68
N MET B 144 -18.45 1.26 15.51
CA MET B 144 -17.96 2.62 15.38
C MET B 144 -18.81 3.63 16.12
N GLY B 145 -20.10 3.38 16.19
CA GLY B 145 -21.02 4.24 16.92
C GLY B 145 -20.66 4.38 18.38
N SER B 146 -20.26 3.28 19.01
CA SER B 146 -19.82 3.32 20.40
C SER B 146 -18.58 4.18 20.53
N ARG B 147 -17.60 3.96 19.66
CA ARG B 147 -16.43 4.82 19.61
C ARG B 147 -16.80 6.28 19.61
N LEU B 148 -17.70 6.65 18.73
CA LEU B 148 -18.10 8.05 18.61
C LEU B 148 -18.65 8.53 19.95
N VAL B 149 -19.65 7.84 20.45
CA VAL B 149 -20.24 8.21 21.72
C VAL B 149 -19.19 8.26 22.81
N SER B 150 -18.34 7.24 22.88
CA SER B 150 -17.28 7.20 23.87
C SER B 150 -16.39 8.44 23.76
N PHE B 151 -15.97 8.75 22.53
CA PHE B 151 -15.09 9.89 22.27
C PHE B 151 -15.82 11.18 22.64
N LEU B 152 -17.04 11.34 22.16
CA LEU B 152 -17.82 12.55 22.48
C LEU B 152 -17.91 12.77 23.99
N LEU B 153 -18.13 11.69 24.74
CA LEU B 153 -18.22 11.79 26.19
C LEU B 153 -16.92 12.27 26.81
N ILE B 154 -15.79 11.77 26.32
CA ILE B 154 -14.48 12.26 26.80
C ILE B 154 -14.38 13.75 26.55
N LEU B 155 -14.75 14.18 25.35
CA LEU B 155 -14.67 15.60 25.00
C LEU B 155 -15.57 16.48 25.87
N CYS B 156 -16.65 15.90 26.39
CA CYS B 156 -17.54 16.62 27.32
C CYS B 156 -16.88 16.93 28.65
N ARG B 157 -16.12 15.99 29.20
CA ARG B 157 -15.48 16.27 30.49
C ARG B 157 -14.15 16.95 30.32
N ASP B 158 -13.56 16.86 29.14
CA ASP B 158 -12.30 17.57 28.87
C ASP B 158 -12.50 18.99 28.37
N PHE B 159 -13.47 19.18 27.47
CA PHE B 159 -13.69 20.49 26.86
C PHE B 159 -15.13 21.01 26.98
N GLY B 160 -15.91 20.43 27.88
CA GLY B 160 -17.33 20.75 27.99
C GLY B 160 -17.59 22.06 28.70
N ILE B 161 -18.49 22.86 28.14
CA ILE B 161 -18.94 24.12 28.73
C ILE B 161 -20.46 24.09 28.86
N PRO B 162 -20.99 24.31 30.06
CA PRO B 162 -22.46 24.28 30.24
C PRO B 162 -23.25 25.19 29.32
N SER B 163 -24.27 24.66 28.67
CA SER B 163 -25.24 25.44 27.92
C SER B 163 -26.59 25.27 28.55
N PRO B 164 -27.52 26.20 28.28
CA PRO B 164 -28.90 25.97 28.66
C PRO B 164 -29.46 24.70 28.05
N ASP B 165 -28.96 24.32 26.87
CA ASP B 165 -29.46 23.15 26.15
C ASP B 165 -28.63 21.90 26.39
N GLY B 166 -27.68 21.96 27.32
CA GLY B 166 -26.90 20.78 27.69
C GLY B 166 -25.43 21.11 27.85
N ILE B 167 -24.59 20.11 27.56
CA ILE B 167 -23.16 20.29 27.64
C ILE B 167 -22.59 20.36 26.24
N THR B 168 -21.69 21.30 26.08
CA THR B 168 -21.22 21.70 24.78
C THR B 168 -19.72 21.58 24.69
N ILE B 169 -19.27 20.65 23.86
CA ILE B 169 -17.86 20.47 23.60
C ILE B 169 -17.37 21.77 23.00
N ASP B 170 -16.41 22.40 23.67
CA ASP B 170 -15.96 23.74 23.30
C ASP B 170 -14.79 23.73 22.30
N LEU B 171 -15.00 23.06 21.17
CA LEU B 171 -13.98 22.93 20.14
C LEU B 171 -14.58 23.01 18.75
N LYS B 172 -13.84 23.57 17.81
CA LYS B 172 -14.20 23.50 16.40
C LYS B 172 -13.74 22.12 15.92
N LEU B 173 -14.70 21.20 15.87
CA LEU B 173 -14.41 19.82 15.51
C LEU B 173 -14.91 19.51 14.12
N SER B 174 -14.00 19.41 13.15
CA SER B 174 -14.36 18.89 11.83
C SER B 174 -14.65 17.40 11.95
N HIS B 175 -15.50 16.88 11.08
CA HIS B 175 -15.80 15.45 11.10
C HIS B 175 -14.53 14.71 10.76
N GLN B 176 -13.70 15.31 9.92
CA GLN B 176 -12.39 14.76 9.58
C GLN B 176 -11.51 14.61 10.83
N ALA B 177 -11.49 15.65 11.67
CA ALA B 177 -10.80 15.62 12.96
C ALA B 177 -11.29 14.45 13.81
N ILE B 178 -12.61 14.35 13.94
CA ILE B 178 -13.22 13.27 14.71
C ILE B 178 -12.76 11.93 14.12
N ALA B 179 -12.74 11.86 12.79
CA ALA B 179 -12.35 10.64 12.06
C ALA B 179 -10.96 10.17 12.44
N GLU B 180 -10.03 11.13 12.49
CA GLU B 180 -8.63 10.84 12.80
C GLU B 180 -8.38 10.51 14.28
N ALA B 181 -9.37 10.76 15.15
CA ALA B 181 -9.21 10.47 16.57
C ALA B 181 -9.82 9.13 16.95
N ILE B 182 -10.90 8.75 16.28
CA ILE B 182 -11.60 7.48 16.57
C ILE B 182 -11.26 6.37 15.58
N GLY B 183 -10.37 6.65 14.63
CA GLY B 183 -9.90 5.62 13.71
C GLY B 183 -10.92 5.25 12.66
N SER B 184 -11.59 6.26 12.12
CA SER B 184 -12.64 6.07 11.13
C SER B 184 -12.41 7.02 9.96
N THR B 185 -13.45 7.22 9.18
CA THR B 185 -13.39 8.07 8.01
C THR B 185 -14.49 9.13 8.13
N ARG B 186 -14.31 10.21 7.39
CA ARG B 186 -15.19 11.36 7.44
C ARG B 186 -16.63 10.99 7.13
N VAL B 187 -16.82 10.19 6.08
CA VAL B 187 -18.15 9.73 5.66
C VAL B 187 -18.91 8.98 6.76
N THR B 188 -18.24 8.02 7.41
CA THR B 188 -18.87 7.30 8.52
C THR B 188 -19.28 8.24 9.67
N VAL B 189 -18.36 9.09 10.14
CA VAL B 189 -18.69 9.96 11.26
C VAL B 189 -19.80 10.93 10.86
N THR B 190 -19.74 11.49 9.67
CA THR B 190 -20.86 12.32 9.18
C THR B 190 -22.20 11.62 9.35
N ARG B 191 -22.24 10.33 9.05
CA ARG B 191 -23.49 9.54 9.10
C ARG B 191 -23.93 9.23 10.51
N LEU B 192 -22.96 8.81 11.35
CA LEU B 192 -23.20 8.58 12.77
C LEU B 192 -23.67 9.85 13.50
N LEU B 193 -22.87 10.90 13.46
CA LEU B 193 -23.30 12.20 13.99
C LEU B 193 -24.73 12.51 13.53
N GLY B 194 -24.89 12.71 12.23
CA GLY B 194 -26.20 13.00 11.65
C GLY B 194 -27.35 12.15 12.17
N ASP B 195 -27.06 10.89 12.49
CA ASP B 195 -28.03 9.98 13.09
C ASP B 195 -28.20 10.17 14.59
N LEU B 196 -27.26 10.85 15.26
CA LEU B 196 -27.44 11.27 16.66
C LEU B 196 -28.19 12.59 16.76
N ARG B 197 -28.08 13.40 15.70
CA ARG B 197 -28.84 14.65 15.57
C ARG B 197 -30.33 14.38 15.48
N GLU B 198 -30.71 13.46 14.58
CA GLU B 198 -32.12 13.09 14.39
C GLU B 198 -32.65 12.37 15.62
N SER B 199 -31.81 11.56 16.25
CA SER B 199 -32.19 10.88 17.50
C SER B 199 -32.40 11.83 18.68
N LYS B 200 -32.22 13.14 18.44
CA LYS B 200 -32.29 14.16 19.50
C LYS B 200 -31.36 13.84 20.68
N LEU B 201 -30.24 13.17 20.41
CA LEU B 201 -29.27 12.83 21.45
C LEU B 201 -28.17 13.91 21.52
N ILE B 202 -27.87 14.52 20.38
CA ILE B 202 -26.93 15.65 20.33
C ILE B 202 -27.49 16.74 19.44
N ALA B 203 -26.79 17.88 19.39
CA ALA B 203 -27.10 18.99 18.49
C ALA B 203 -25.77 19.69 18.05
N ILE B 204 -25.73 20.27 16.85
CA ILE B 204 -24.50 20.85 16.30
C ILE B 204 -24.74 22.23 15.75
N HIS B 205 -23.87 23.17 16.12
CA HIS B 205 -23.91 24.53 15.58
C HIS B 205 -22.49 25.05 15.48
N LYS B 206 -22.18 25.76 14.39
CA LYS B 206 -20.89 26.44 14.19
C LYS B 206 -19.66 25.50 14.25
N LYS B 207 -19.82 24.22 13.93
CA LYS B 207 -18.76 23.20 14.12
C LYS B 207 -18.61 22.71 15.58
N ARG B 208 -19.48 23.15 16.49
CA ARG B 208 -19.45 22.73 17.89
C ARG B 208 -20.65 21.87 18.24
N ILE B 209 -20.39 20.76 18.92
CA ILE B 209 -21.39 19.74 19.27
C ILE B 209 -21.89 19.92 20.70
N THR B 210 -23.19 19.70 20.92
CA THR B 210 -23.77 19.68 22.27
C THR B 210 -24.40 18.33 22.48
N VAL B 211 -24.00 17.62 23.53
CA VAL B 211 -24.61 16.34 23.84
C VAL B 211 -25.55 16.58 25.01
N PHE B 212 -26.84 16.27 24.82
CA PHE B 212 -27.84 16.41 25.88
C PHE B 212 -27.68 15.26 26.87
N ASN B 213 -27.80 15.58 28.15
CA ASN B 213 -27.80 14.56 29.19
C ASN B 213 -26.79 13.42 28.92
N PRO B 214 -25.49 13.73 28.99
CA PRO B 214 -24.47 12.70 28.75
C PRO B 214 -24.65 11.50 29.68
N VAL B 215 -24.86 11.80 30.95
CA VAL B 215 -25.48 10.83 31.87
C VAL B 215 -26.38 9.81 31.13
N ALA B 216 -27.33 10.31 30.32
CA ALA B 216 -28.20 9.45 29.49
C ALA B 216 -27.45 8.77 28.35
N LEU B 217 -26.62 9.52 27.63
CA LEU B 217 -25.91 8.97 26.47
C LEU B 217 -25.04 7.77 26.86
N SER B 218 -24.45 7.83 28.07
CA SER B 218 -23.78 6.69 28.70
C SER B 218 -24.72 5.47 28.83
N GLN B 219 -25.95 5.72 29.25
CA GLN B 219 -26.94 4.65 29.44
C GLN B 219 -27.49 4.05 28.12
N GLN B 220 -27.25 4.70 26.98
CA GLN B 220 -27.54 4.11 25.66
C GLN B 220 -26.35 4.26 24.70
N PRO C 21 -20.53 27.64 -18.12
CA PRO C 21 -21.24 26.70 -17.25
C PRO C 21 -20.45 25.42 -16.94
N LEU C 22 -19.11 25.50 -16.96
CA LEU C 22 -18.28 24.30 -17.05
C LEU C 22 -17.09 24.34 -16.10
N GLN C 23 -17.23 23.77 -14.91
CA GLN C 23 -16.13 23.74 -13.94
C GLN C 23 -15.17 22.60 -14.26
N ILE C 24 -13.87 22.91 -14.28
CA ILE C 24 -12.84 21.93 -14.60
C ILE C 24 -12.08 21.56 -13.32
N GLU C 25 -12.45 20.42 -12.76
CA GLU C 25 -12.03 20.03 -11.42
C GLU C 25 -11.00 18.91 -11.45
N GLN C 26 -9.97 19.04 -10.63
CA GLN C 26 -9.03 17.95 -10.38
C GLN C 26 -9.19 17.43 -8.93
N PHE C 27 -8.98 16.12 -8.75
CA PHE C 27 -8.96 15.52 -7.42
C PHE C 27 -7.77 14.55 -7.27
N GLU C 28 -6.92 14.83 -6.29
CA GLU C 28 -5.79 13.99 -5.93
C GLU C 28 -6.30 12.62 -5.53
N ARG C 29 -5.47 11.60 -5.64
CA ARG C 29 -5.93 10.25 -5.35
C ARG C 29 -6.49 10.10 -3.92
N GLY C 30 -7.54 9.30 -3.79
CA GLY C 30 -8.20 9.08 -2.49
C GLY C 30 -9.13 10.19 -2.01
N LYS C 31 -9.19 11.30 -2.72
CA LYS C 31 -9.99 12.44 -2.28
C LYS C 31 -11.46 12.26 -2.61
N THR C 32 -12.32 12.90 -1.84
CA THR C 32 -13.74 12.89 -2.10
C THR C 32 -14.10 13.96 -3.11
N ILE C 33 -15.00 13.60 -4.03
CA ILE C 33 -15.61 14.53 -4.96
C ILE C 33 -16.92 15.04 -4.34
N PHE C 34 -17.76 14.13 -3.85
CA PHE C 34 -18.88 14.52 -2.96
C PHE C 34 -19.19 13.52 -1.87
N PHE C 35 -19.86 13.99 -0.82
CA PHE C 35 -20.32 13.10 0.27
C PHE C 35 -21.82 12.89 0.14
N PRO C 36 -22.33 11.79 0.72
CA PRO C 36 -23.79 11.64 0.75
C PRO C 36 -24.44 12.76 1.54
N GLY C 37 -25.68 13.07 1.20
CA GLY C 37 -26.41 14.12 1.89
C GLY C 37 -26.01 15.52 1.47
N ASP C 38 -24.85 15.69 0.80
CA ASP C 38 -24.52 16.95 0.13
C ASP C 38 -25.62 17.30 -0.86
N PRO C 39 -25.78 18.58 -1.16
CA PRO C 39 -26.85 18.96 -2.08
C PRO C 39 -26.43 18.67 -3.51
N ALA C 40 -27.34 18.12 -4.30
CA ALA C 40 -27.07 17.79 -5.70
C ALA C 40 -26.96 19.08 -6.52
N GLU C 41 -25.76 19.65 -6.52
CA GLU C 41 -25.50 20.92 -7.18
C GLU C 41 -25.42 20.76 -8.69
N ARG C 42 -24.68 19.75 -9.15
CA ARG C 42 -24.31 19.63 -10.56
C ARG C 42 -24.39 18.20 -11.10
N VAL C 43 -24.05 18.06 -12.38
CA VAL C 43 -23.81 16.78 -13.04
C VAL C 43 -22.32 16.75 -13.44
N TYR C 44 -21.74 15.55 -13.41
CA TYR C 44 -20.31 15.37 -13.64
C TYR C 44 -20.04 14.47 -14.87
N LEU C 45 -18.90 14.71 -15.53
CA LEU C 45 -18.37 13.78 -16.53
C LEU C 45 -16.93 13.48 -16.19
N LEU C 46 -16.61 12.20 -15.99
CA LEU C 46 -15.25 11.80 -15.65
C LEU C 46 -14.43 11.81 -16.94
N VAL C 47 -13.52 12.77 -17.07
CA VAL C 47 -12.69 12.90 -18.26
C VAL C 47 -11.52 11.94 -18.19
N LYS C 48 -10.76 12.01 -17.11
CA LYS C 48 -9.64 11.08 -16.93
C LYS C 48 -9.57 10.63 -15.49
N GLY C 49 -9.28 9.35 -15.32
CA GLY C 49 -9.23 8.72 -14.01
C GLY C 49 -10.32 7.70 -13.81
N ALA C 50 -10.55 7.37 -12.55
CA ALA C 50 -11.58 6.42 -12.17
C ALA C 50 -12.13 6.83 -10.81
N VAL C 51 -13.43 7.08 -10.75
CA VAL C 51 -14.10 7.40 -9.50
C VAL C 51 -14.74 6.14 -8.98
N LYS C 52 -14.68 5.93 -7.67
CA LYS C 52 -15.38 4.81 -7.07
C LYS C 52 -16.54 5.39 -6.29
N LEU C 53 -17.71 4.79 -6.46
CA LEU C 53 -18.92 5.20 -5.74
C LEU C 53 -19.17 4.22 -4.63
N SER C 54 -19.40 4.73 -3.43
CA SER C 54 -19.63 3.90 -2.26
C SER C 54 -20.93 4.31 -1.57
N ARG C 55 -21.43 3.41 -0.73
CA ARG C 55 -22.68 3.62 0.00
C ARG C 55 -22.39 3.45 1.48
N VAL C 56 -23.06 4.26 2.31
CA VAL C 56 -22.80 4.25 3.76
C VAL C 56 -24.04 3.88 4.58
N TYR C 57 -23.92 2.79 5.32
CA TYR C 57 -25.02 2.23 6.08
C TYR C 57 -25.11 2.86 7.47
N GLU C 58 -26.26 2.69 8.13
CA GLU C 58 -26.47 3.13 9.52
C GLU C 58 -25.29 2.71 10.41
N SER C 59 -24.87 1.47 10.22
CA SER C 59 -23.72 0.88 10.88
C SER C 59 -22.41 1.72 10.80
N GLY C 60 -22.38 2.70 9.90
CA GLY C 60 -21.15 3.40 9.57
C GLY C 60 -20.39 2.66 8.49
N GLU C 61 -20.86 1.46 8.14
CA GLU C 61 -20.14 0.59 7.21
C GLU C 61 -20.26 1.13 5.78
N GLU C 62 -19.13 1.24 5.09
CA GLU C 62 -19.11 1.76 3.72
C GLU C 62 -18.86 0.63 2.74
N ILE C 63 -19.75 0.44 1.77
CA ILE C 63 -19.64 -0.64 0.79
C ILE C 63 -19.41 -0.07 -0.61
N THR C 64 -18.56 -0.73 -1.41
CA THR C 64 -18.31 -0.26 -2.78
C THR C 64 -19.53 -0.54 -3.66
N VAL C 65 -19.93 0.44 -4.47
CA VAL C 65 -21.12 0.31 -5.32
C VAL C 65 -20.75 0.17 -6.81
N ALA C 66 -19.76 0.95 -7.24
CA ALA C 66 -19.26 0.88 -8.62
C ALA C 66 -17.93 1.62 -8.79
N LEU C 67 -17.12 1.22 -9.76
CA LEU C 67 -15.96 2.01 -10.20
C LEU C 67 -16.21 2.58 -11.60
N LEU C 68 -16.06 3.88 -11.75
CA LEU C 68 -16.46 4.52 -13.01
C LEU C 68 -15.29 4.76 -13.95
N ARG C 69 -15.41 4.25 -15.17
CA ARG C 69 -14.38 4.38 -16.16
C ARG C 69 -14.48 5.76 -16.79
N GLU C 70 -13.47 6.13 -17.56
CA GLU C 70 -13.48 7.39 -18.29
C GLU C 70 -14.69 7.54 -19.21
N ASN C 71 -15.00 8.78 -19.53
CA ASN C 71 -16.21 9.18 -20.30
C ASN C 71 -17.53 8.81 -19.63
N SER C 72 -17.45 8.35 -18.38
CA SER C 72 -18.64 7.95 -17.64
C SER C 72 -19.25 9.20 -17.00
N VAL C 73 -20.58 9.27 -16.96
CA VAL C 73 -21.30 10.44 -16.42
C VAL C 73 -21.98 10.01 -15.10
N PHE C 74 -21.91 10.88 -14.08
CA PHE C 74 -22.45 10.55 -12.76
C PHE C 74 -22.88 11.81 -12.01
N GLY C 75 -23.60 11.64 -10.92
CA GLY C 75 -24.37 12.71 -10.31
C GLY C 75 -25.66 12.90 -11.11
N VAL C 76 -26.20 11.79 -11.59
CA VAL C 76 -27.32 11.80 -12.50
C VAL C 76 -28.68 11.73 -11.78
N LEU C 77 -28.89 10.71 -10.93
CA LEU C 77 -30.17 10.51 -10.20
C LEU C 77 -31.14 11.68 -10.26
N SER C 78 -30.69 12.84 -9.78
CA SER C 78 -31.50 14.07 -9.84
C SER C 78 -31.65 14.61 -11.28
N LEU C 79 -32.33 13.82 -12.13
CA LEU C 79 -32.64 14.20 -13.52
C LEU C 79 -34.02 13.62 -13.81
N LEU C 80 -34.96 14.00 -12.95
CA LEU C 80 -36.32 13.47 -12.96
C LEU C 80 -37.28 14.58 -13.37
N ARG C 84 -35.19 16.65 -7.44
CA ARG C 84 -33.75 16.65 -7.18
C ARG C 84 -33.42 16.09 -5.79
N SER C 85 -32.88 14.86 -5.77
CA SER C 85 -32.52 14.18 -4.51
C SER C 85 -31.29 14.79 -3.86
N ASP C 86 -31.05 14.41 -2.61
CA ASP C 86 -29.74 14.61 -2.00
C ASP C 86 -28.84 13.48 -2.44
N ARG C 87 -27.54 13.71 -2.34
CA ARG C 87 -26.53 12.76 -2.80
C ARG C 87 -26.63 11.43 -2.02
N PHE C 88 -26.91 10.33 -2.72
CA PHE C 88 -26.93 9.00 -2.08
C PHE C 88 -25.54 8.46 -1.84
N TYR C 89 -24.66 8.58 -2.83
CA TYR C 89 -23.37 7.91 -2.78
C TYR C 89 -22.27 8.81 -2.25
N HIS C 90 -21.12 8.18 -2.01
CA HIS C 90 -19.87 8.85 -1.69
C HIS C 90 -18.97 8.72 -2.94
N ALA C 91 -18.59 9.87 -3.50
CA ALA C 91 -17.83 9.90 -4.74
C ALA C 91 -16.37 10.12 -4.38
N VAL C 92 -15.48 9.27 -4.87
CA VAL C 92 -14.06 9.36 -4.53
C VAL C 92 -13.18 9.12 -5.74
N ALA C 93 -12.04 9.83 -5.79
CA ALA C 93 -11.02 9.58 -6.78
C ALA C 93 -10.31 8.29 -6.38
N PHE C 94 -10.50 7.24 -7.18
CA PHE C 94 -9.84 5.96 -6.94
C PHE C 94 -8.41 6.00 -7.47
N THR C 95 -8.25 6.68 -8.58
CA THR C 95 -6.95 7.12 -9.06
C THR C 95 -7.10 8.63 -9.18
N PRO C 96 -6.03 9.37 -9.52
CA PRO C 96 -6.26 10.77 -9.76
C PRO C 96 -7.31 10.97 -10.84
N VAL C 97 -8.08 12.04 -10.72
CA VAL C 97 -9.15 12.29 -11.67
C VAL C 97 -9.13 13.74 -12.10
N GLN C 98 -9.62 13.96 -13.31
CA GLN C 98 -9.97 15.30 -13.79
C GLN C 98 -11.35 15.18 -14.43
N LEU C 99 -12.23 16.14 -14.16
CA LEU C 99 -13.63 16.03 -14.57
C LEU C 99 -14.30 17.38 -14.85
N PHE C 100 -15.43 17.32 -15.54
CA PHE C 100 -16.21 18.50 -15.91
C PHE C 100 -17.42 18.56 -15.02
N SER C 101 -17.70 19.74 -14.47
CA SER C 101 -18.93 19.95 -13.73
C SER C 101 -19.90 20.73 -14.62
N VAL C 102 -21.20 20.65 -14.32
CA VAL C 102 -22.20 21.46 -15.05
C VAL C 102 -23.55 21.57 -14.32
N PRO C 103 -24.04 22.82 -14.12
CA PRO C 103 -25.36 23.06 -13.52
C PRO C 103 -26.42 22.09 -14.04
N ILE C 104 -27.29 21.65 -13.14
CA ILE C 104 -28.28 20.63 -13.46
C ILE C 104 -29.34 21.16 -14.40
N GLU C 105 -29.64 22.46 -14.31
CA GLU C 105 -30.62 23.07 -15.19
C GLU C 105 -30.08 23.26 -16.62
N PHE C 106 -28.78 23.54 -16.73
CA PHE C 106 -28.08 23.54 -18.01
C PHE C 106 -28.20 22.14 -18.66
N MET C 107 -27.84 21.11 -17.88
CA MET C 107 -27.89 19.71 -18.35
C MET C 107 -29.29 19.26 -18.76
N GLN C 108 -30.30 19.65 -18.00
CA GLN C 108 -31.68 19.33 -18.34
C GLN C 108 -32.10 20.07 -19.62
N LYS C 109 -31.64 21.31 -19.78
CA LYS C 109 -31.96 22.11 -20.97
C LYS C 109 -31.12 21.72 -22.17
N ALA C 110 -29.91 21.24 -21.93
CA ALA C 110 -29.08 20.69 -23.00
C ALA C 110 -29.71 19.40 -23.56
N LEU C 111 -30.43 18.68 -22.70
CA LEU C 111 -31.06 17.41 -23.06
C LEU C 111 -32.36 17.62 -23.84
N ILE C 112 -33.25 18.46 -23.30
CA ILE C 112 -34.54 18.73 -23.94
C ILE C 112 -34.35 19.23 -25.37
N GLU C 113 -33.25 19.96 -25.61
CA GLU C 113 -32.91 20.42 -26.95
C GLU C 113 -32.06 19.40 -27.70
N ARG C 114 -30.73 19.39 -27.46
CA ARG C 114 -29.81 18.50 -28.17
C ARG C 114 -30.02 17.02 -27.76
N PRO C 115 -30.81 16.26 -28.55
CA PRO C 115 -31.19 14.92 -28.11
C PRO C 115 -30.18 13.84 -28.53
N GLU C 116 -29.10 14.23 -29.19
CA GLU C 116 -27.94 13.34 -29.38
C GLU C 116 -27.30 13.06 -28.01
N LEU C 117 -27.25 14.09 -27.16
CA LEU C 117 -26.78 13.96 -25.79
C LEU C 117 -27.61 12.92 -25.02
N ALA C 118 -28.91 12.86 -25.32
CA ALA C 118 -29.82 11.86 -24.74
C ALA C 118 -29.28 10.42 -24.85
N ASN C 119 -28.55 10.14 -25.93
CA ASN C 119 -28.12 8.76 -26.22
C ASN C 119 -26.89 8.32 -25.44
N VAL C 120 -25.81 9.09 -25.47
CA VAL C 120 -24.67 8.84 -24.59
C VAL C 120 -25.15 8.65 -23.15
N MET C 121 -26.06 9.52 -22.73
CA MET C 121 -26.65 9.49 -21.40
C MET C 121 -27.55 8.25 -21.15
N LEU C 122 -28.36 7.86 -22.15
CA LEU C 122 -29.19 6.66 -22.03
C LEU C 122 -28.31 5.42 -21.92
N GLN C 123 -27.30 5.34 -22.80
CA GLN C 123 -26.32 4.27 -22.73
C GLN C 123 -25.54 4.41 -21.44
N GLY C 124 -25.18 5.66 -21.10
CA GLY C 124 -24.47 5.98 -19.88
C GLY C 124 -24.95 5.21 -18.65
N LEU C 125 -26.16 5.50 -18.20
CA LEU C 125 -26.74 4.78 -17.06
C LEU C 125 -26.65 3.27 -17.28
N SER C 126 -27.32 2.77 -18.31
CA SER C 126 -27.44 1.33 -18.58
C SER C 126 -26.23 0.48 -18.14
N SER C 127 -25.01 0.92 -18.49
CA SER C 127 -23.77 0.19 -18.11
C SER C 127 -23.49 0.26 -16.60
N ARG C 128 -24.14 1.23 -15.94
CA ARG C 128 -24.07 1.38 -14.50
C ARG C 128 -24.78 0.24 -13.81
N ILE C 129 -26.06 0.07 -14.13
CA ILE C 129 -26.83 -0.99 -13.52
C ILE C 129 -26.06 -2.31 -13.66
N LEU C 130 -25.38 -2.50 -14.79
CA LEU C 130 -24.56 -3.71 -14.99
C LEU C 130 -23.33 -3.68 -14.09
N GLN C 131 -22.61 -2.57 -14.10
CA GLN C 131 -21.51 -2.36 -13.17
C GLN C 131 -21.90 -2.78 -11.77
N THR C 132 -22.99 -2.17 -11.28
CA THR C 132 -23.44 -2.37 -9.90
C THR C 132 -23.89 -3.79 -9.60
N GLU C 133 -24.56 -4.44 -10.55
CA GLU C 133 -24.93 -5.85 -10.40
C GLU C 133 -23.69 -6.72 -10.31
N MET C 134 -22.67 -6.40 -11.08
CA MET C 134 -21.44 -7.17 -11.03
C MET C 134 -20.82 -7.00 -9.64
N MET C 135 -20.75 -5.75 -9.18
CA MET C 135 -20.16 -5.49 -7.88
C MET C 135 -20.93 -6.26 -6.82
N ILE C 136 -22.28 -6.21 -6.87
CA ILE C 136 -23.10 -6.91 -5.89
C ILE C 136 -22.64 -8.34 -5.89
N GLU C 137 -22.51 -8.92 -7.09
CA GLU C 137 -22.03 -10.28 -7.24
C GLU C 137 -20.66 -10.52 -6.64
N THR C 138 -19.67 -9.72 -7.05
CA THR C 138 -18.29 -10.01 -6.65
C THR C 138 -18.16 -9.87 -5.13
N LEU C 139 -18.80 -8.84 -4.57
CA LEU C 139 -18.77 -8.62 -3.13
C LEU C 139 -19.53 -9.71 -2.36
N ALA C 140 -20.46 -10.38 -3.02
CA ALA C 140 -21.27 -11.41 -2.35
C ALA C 140 -20.43 -12.65 -1.96
N HIS C 141 -19.39 -12.98 -2.75
CA HIS C 141 -18.47 -14.09 -2.44
C HIS C 141 -17.96 -13.97 -1.03
N ARG C 142 -18.18 -15.01 -0.22
CA ARG C 142 -17.71 -15.02 1.18
C ARG C 142 -16.26 -15.53 1.27
N ASP C 143 -15.80 -16.20 0.21
CA ASP C 143 -14.38 -16.56 0.07
C ASP C 143 -13.64 -15.40 -0.59
N MET C 144 -12.62 -14.88 0.08
CA MET C 144 -11.92 -13.66 -0.37
C MET C 144 -11.21 -13.84 -1.70
N GLY C 145 -10.54 -14.97 -1.83
CA GLY C 145 -9.74 -15.19 -3.02
C GLY C 145 -10.62 -15.14 -4.25
N SER C 146 -11.82 -15.71 -4.09
CA SER C 146 -12.81 -15.72 -5.16
C SER C 146 -13.36 -14.31 -5.36
N ARG C 147 -13.64 -13.64 -4.26
CA ARG C 147 -13.94 -12.20 -4.27
C ARG C 147 -12.87 -11.37 -4.99
N LEU C 148 -11.60 -11.59 -4.64
CA LEU C 148 -10.52 -10.83 -5.28
C LEU C 148 -10.56 -11.04 -6.79
N VAL C 149 -10.62 -12.30 -7.21
CA VAL C 149 -10.58 -12.64 -8.63
C VAL C 149 -11.72 -11.95 -9.38
N SER C 150 -12.90 -12.03 -8.80
CA SER C 150 -14.08 -11.39 -9.36
C SER C 150 -13.95 -9.86 -9.44
N PHE C 151 -13.20 -9.28 -8.51
CA PHE C 151 -12.92 -7.84 -8.56
C PHE C 151 -11.89 -7.51 -9.66
N LEU C 152 -10.84 -8.32 -9.80
CA LEU C 152 -9.83 -8.09 -10.85
C LEU C 152 -10.47 -8.24 -12.23
N LEU C 153 -11.39 -9.18 -12.36
CA LEU C 153 -12.11 -9.36 -13.62
C LEU C 153 -12.96 -8.14 -13.96
N ILE C 154 -13.60 -7.57 -12.94
CA ILE C 154 -14.28 -6.31 -13.16
C ILE C 154 -13.27 -5.31 -13.69
N LEU C 155 -12.10 -5.25 -13.06
CA LEU C 155 -11.11 -4.24 -13.40
C LEU C 155 -10.59 -4.47 -14.81
N CYS C 156 -10.40 -5.72 -15.19
CA CYS C 156 -10.03 -6.03 -16.56
C CYS C 156 -11.01 -5.44 -17.53
N ARG C 157 -12.28 -5.77 -17.32
CA ARG C 157 -13.34 -5.50 -18.29
C ARG C 157 -13.63 -4.02 -18.46
N ASP C 158 -13.39 -3.23 -17.41
CA ASP C 158 -13.69 -1.79 -17.44
C ASP C 158 -12.44 -0.92 -17.58
N PHE C 159 -11.29 -1.43 -17.15
CA PHE C 159 -10.06 -0.62 -17.15
C PHE C 159 -8.87 -1.33 -17.77
N GLY C 160 -9.10 -2.47 -18.42
CA GLY C 160 -8.03 -3.23 -19.04
C GLY C 160 -7.76 -2.77 -20.45
N ILE C 161 -6.49 -2.62 -20.80
CA ILE C 161 -6.08 -2.45 -22.20
C ILE C 161 -5.36 -3.72 -22.62
N PRO C 162 -5.56 -4.15 -23.87
CA PRO C 162 -4.74 -5.21 -24.43
C PRO C 162 -3.27 -4.89 -24.39
N SER C 163 -2.47 -5.90 -24.05
CA SER C 163 -1.03 -5.84 -24.15
C SER C 163 -0.52 -7.17 -24.75
N PRO C 164 0.77 -7.23 -25.07
CA PRO C 164 1.31 -8.52 -25.52
C PRO C 164 1.31 -9.54 -24.37
N ASP C 165 1.45 -9.04 -23.14
CA ASP C 165 1.43 -9.88 -21.95
C ASP C 165 0.04 -10.32 -21.51
N GLY C 166 -1.02 -9.83 -22.17
CA GLY C 166 -2.39 -10.21 -21.82
C GLY C 166 -3.27 -8.99 -21.64
N ILE C 167 -3.95 -8.88 -20.50
CA ILE C 167 -4.71 -7.66 -20.19
C ILE C 167 -4.05 -6.92 -19.03
N THR C 168 -3.38 -5.83 -19.33
CA THR C 168 -2.88 -4.93 -18.32
C THR C 168 -4.08 -4.10 -17.87
N ILE C 169 -4.37 -4.14 -16.57
CA ILE C 169 -5.37 -3.27 -15.93
C ILE C 169 -4.76 -1.89 -15.81
N ASP C 170 -5.27 -0.93 -16.58
CA ASP C 170 -4.66 0.39 -16.64
C ASP C 170 -4.98 1.30 -15.43
N LEU C 171 -4.64 0.86 -14.21
CA LEU C 171 -4.65 1.78 -13.07
C LEU C 171 -3.75 1.38 -11.91
N LYS C 172 -3.05 2.37 -11.35
CA LYS C 172 -2.12 2.13 -10.25
C LYS C 172 -2.94 1.91 -8.99
N LEU C 173 -2.76 0.76 -8.35
CA LEU C 173 -3.61 0.35 -7.24
C LEU C 173 -2.85 -0.28 -6.08
N SER C 174 -2.78 0.41 -4.95
CA SER C 174 -2.18 -0.18 -3.76
C SER C 174 -3.04 -1.31 -3.25
N HIS C 175 -2.39 -2.26 -2.60
CA HIS C 175 -3.07 -3.40 -2.00
C HIS C 175 -4.13 -2.92 -1.02
N GLN C 176 -3.86 -1.79 -0.37
CA GLN C 176 -4.79 -1.25 0.58
C GLN C 176 -6.06 -0.79 -0.15
N ALA C 177 -5.89 -0.04 -1.23
CA ALA C 177 -6.99 0.42 -2.06
C ALA C 177 -7.84 -0.78 -2.52
N ILE C 178 -7.18 -1.81 -3.02
CA ILE C 178 -7.88 -3.02 -3.36
C ILE C 178 -8.58 -3.59 -2.11
N ALA C 179 -7.84 -3.69 -1.01
CA ALA C 179 -8.39 -4.28 0.22
C ALA C 179 -9.65 -3.52 0.67
N GLU C 180 -9.53 -2.21 0.82
CA GLU C 180 -10.65 -1.40 1.29
C GLU C 180 -11.84 -1.48 0.35
N ALA C 181 -11.58 -1.51 -0.95
CA ALA C 181 -12.62 -1.56 -1.97
C ALA C 181 -13.43 -2.84 -1.90
N ILE C 182 -12.78 -3.98 -1.63
CA ILE C 182 -13.50 -5.26 -1.60
C ILE C 182 -13.85 -5.74 -0.19
N GLY C 183 -13.60 -4.91 0.81
CA GLY C 183 -13.99 -5.26 2.16
C GLY C 183 -13.05 -6.22 2.83
N SER C 184 -11.78 -6.17 2.46
CA SER C 184 -10.77 -7.03 3.02
C SER C 184 -9.78 -6.23 3.87
N THR C 185 -8.67 -6.88 4.20
CA THR C 185 -7.54 -6.23 4.83
C THR C 185 -6.36 -6.36 3.88
N ARG C 186 -5.42 -5.45 4.01
CA ARG C 186 -4.24 -5.43 3.16
C ARG C 186 -3.35 -6.68 3.32
N VAL C 187 -3.29 -7.22 4.54
CA VAL C 187 -2.51 -8.43 4.78
C VAL C 187 -2.98 -9.52 3.82
N THR C 188 -4.28 -9.79 3.82
CA THR C 188 -4.84 -10.84 2.96
C THR C 188 -4.64 -10.52 1.46
N VAL C 189 -5.11 -9.36 1.03
CA VAL C 189 -4.96 -8.96 -0.37
C VAL C 189 -3.51 -9.13 -0.82
N THR C 190 -2.55 -8.77 0.04
CA THR C 190 -1.13 -8.90 -0.31
C THR C 190 -0.74 -10.35 -0.62
N ARG C 191 -1.33 -11.29 0.10
CA ARG C 191 -0.95 -12.68 -0.02
C ARG C 191 -1.72 -13.44 -1.09
N LEU C 192 -2.99 -13.06 -1.28
CA LEU C 192 -3.77 -13.63 -2.36
C LEU C 192 -3.14 -13.23 -3.66
N LEU C 193 -2.78 -11.96 -3.81
CA LEU C 193 -2.09 -11.54 -5.02
C LEU C 193 -0.83 -12.34 -5.16
N GLY C 194 -0.12 -12.53 -4.04
CA GLY C 194 1.09 -13.33 -4.02
C GLY C 194 0.84 -14.73 -4.55
N ASP C 195 -0.21 -15.36 -4.03
CA ASP C 195 -0.62 -16.67 -4.54
C ASP C 195 -0.91 -16.63 -6.04
N LEU C 196 -1.76 -15.69 -6.48
CA LEU C 196 -2.15 -15.61 -7.89
C LEU C 196 -0.93 -15.53 -8.80
N ARG C 197 0.05 -14.74 -8.38
CA ARG C 197 1.26 -14.52 -9.17
C ARG C 197 2.16 -15.76 -9.16
N GLU C 198 2.34 -16.35 -7.98
CA GLU C 198 3.03 -17.64 -7.83
C GLU C 198 2.41 -18.68 -8.76
N SER C 199 1.09 -18.69 -8.86
CA SER C 199 0.38 -19.61 -9.74
C SER C 199 0.42 -19.22 -11.22
N LYS C 200 1.09 -18.11 -11.52
CA LYS C 200 1.35 -17.67 -12.90
C LYS C 200 0.10 -17.27 -13.71
N LEU C 201 -0.88 -16.69 -13.02
CA LEU C 201 -2.10 -16.20 -13.65
C LEU C 201 -2.02 -14.68 -13.89
N ILE C 202 -1.43 -13.94 -12.93
CA ILE C 202 -1.23 -12.50 -13.10
C ILE C 202 0.23 -12.08 -12.95
N ALA C 203 0.48 -10.80 -13.20
CA ALA C 203 1.79 -10.22 -12.98
C ALA C 203 1.63 -8.77 -12.56
N ILE C 204 2.36 -8.37 -11.53
CA ILE C 204 2.35 -6.98 -11.06
C ILE C 204 3.67 -6.33 -11.47
N HIS C 205 3.57 -5.27 -12.28
CA HIS C 205 4.76 -4.62 -12.81
C HIS C 205 4.51 -3.14 -12.95
N LYS C 206 5.47 -2.33 -12.49
CA LYS C 206 5.34 -0.88 -12.44
C LYS C 206 3.99 -0.46 -11.85
N LYS C 207 3.67 -1.07 -10.71
CA LYS C 207 2.45 -0.76 -9.97
C LYS C 207 1.21 -1.02 -10.79
N ARG C 208 1.18 -2.12 -11.55
CA ARG C 208 0.03 -2.42 -12.40
C ARG C 208 -0.15 -3.92 -12.65
N ILE C 209 -1.36 -4.39 -12.35
CA ILE C 209 -1.65 -5.81 -12.49
C ILE C 209 -1.98 -6.16 -13.92
N THR C 210 -1.38 -7.24 -14.40
CA THR C 210 -1.63 -7.75 -15.73
C THR C 210 -2.07 -9.18 -15.58
N VAL C 211 -3.33 -9.46 -15.92
CA VAL C 211 -3.79 -10.84 -15.91
C VAL C 211 -3.59 -11.42 -17.32
N PHE C 212 -2.86 -12.54 -17.38
CA PHE C 212 -2.41 -13.09 -18.65
C PHE C 212 -3.58 -13.61 -19.46
N ASN C 213 -4.54 -14.25 -18.78
CA ASN C 213 -5.76 -14.72 -19.42
C ASN C 213 -6.96 -14.70 -18.49
N PRO C 214 -7.93 -13.80 -18.74
CA PRO C 214 -9.03 -13.69 -17.78
C PRO C 214 -9.88 -14.94 -17.60
N VAL C 215 -10.03 -15.73 -18.67
CA VAL C 215 -10.77 -16.99 -18.56
C VAL C 215 -10.06 -17.89 -17.57
N ALA C 216 -8.79 -18.17 -17.85
CA ALA C 216 -7.94 -18.97 -16.98
C ALA C 216 -8.21 -18.58 -15.55
N LEU C 217 -8.07 -17.27 -15.27
CA LEU C 217 -8.31 -16.69 -13.95
C LEU C 217 -9.68 -17.12 -13.40
N SER C 218 -10.72 -16.93 -14.19
CA SER C 218 -12.08 -17.25 -13.72
C SER C 218 -12.20 -18.72 -13.26
N GLN C 219 -11.72 -19.66 -14.09
CA GLN C 219 -11.75 -21.09 -13.76
C GLN C 219 -10.58 -21.49 -12.84
N GLU D 5 28.61 -22.40 -2.68
CA GLU D 5 30.02 -22.24 -2.23
C GLU D 5 30.81 -21.42 -3.26
N ASN D 6 32.13 -21.36 -3.07
CA ASN D 6 33.04 -20.75 -4.06
C ASN D 6 33.68 -21.81 -4.97
N SER D 7 34.31 -22.83 -4.35
CA SER D 7 34.98 -23.99 -5.01
C SER D 7 35.74 -23.79 -6.36
N LEU D 8 35.66 -22.61 -6.95
CA LEU D 8 36.50 -22.23 -8.11
C LEU D 8 37.96 -22.45 -7.77
N LEU D 9 38.33 -22.05 -6.55
CA LEU D 9 39.64 -22.38 -5.97
C LEU D 9 40.02 -23.83 -6.21
N THR D 10 39.12 -24.73 -5.84
CA THR D 10 39.38 -26.16 -5.84
C THR D 10 39.51 -26.74 -7.26
N MET D 11 38.86 -26.12 -8.25
CA MET D 11 39.08 -26.50 -9.66
C MET D 11 40.45 -26.03 -10.14
N PHE D 12 40.69 -24.72 -10.04
CA PHE D 12 41.90 -24.09 -10.54
C PHE D 12 43.17 -24.76 -10.03
N ARG D 13 43.26 -24.96 -8.71
CA ARG D 13 44.51 -25.40 -8.09
C ARG D 13 45.17 -26.62 -8.76
N GLU D 14 44.42 -27.34 -9.60
CA GLU D 14 44.99 -28.36 -10.47
C GLU D 14 44.88 -27.96 -11.95
N ILE D 24 50.27 -20.51 -6.51
CA ILE D 24 49.67 -19.19 -6.38
C ILE D 24 50.73 -18.13 -6.73
N GLU D 25 50.31 -17.04 -7.34
CA GLU D 25 51.21 -15.93 -7.67
C GLU D 25 50.95 -14.74 -6.76
N GLN D 26 52.03 -14.11 -6.31
CA GLN D 26 51.93 -12.89 -5.49
C GLN D 26 52.15 -11.66 -6.37
N PHE D 27 51.36 -10.62 -6.14
CA PHE D 27 51.44 -9.37 -6.90
C PHE D 27 51.37 -8.17 -5.98
N GLU D 28 52.34 -7.28 -6.12
CA GLU D 28 52.45 -6.14 -5.25
C GLU D 28 51.48 -5.04 -5.66
N ARG D 29 50.90 -4.38 -4.66
CA ARG D 29 50.06 -3.20 -4.85
C ARG D 29 50.61 -2.33 -5.96
N GLY D 30 49.84 -2.23 -7.04
CA GLY D 30 50.23 -1.42 -8.19
C GLY D 30 50.88 -2.16 -9.34
N LYS D 31 51.31 -3.40 -9.12
CA LYS D 31 51.95 -4.19 -10.16
C LYS D 31 50.93 -4.59 -11.24
N THR D 32 51.40 -4.67 -12.49
CA THR D 32 50.55 -5.06 -13.62
C THR D 32 50.44 -6.57 -13.79
N ILE D 33 49.22 -7.05 -13.99
CA ILE D 33 48.97 -8.44 -14.33
C ILE D 33 49.01 -8.61 -15.85
N PHE D 34 48.38 -7.69 -16.59
CA PHE D 34 48.63 -7.55 -18.03
C PHE D 34 48.34 -6.15 -18.58
N PHE D 35 49.01 -5.80 -19.66
CA PHE D 35 48.90 -4.48 -20.28
C PHE D 35 48.24 -4.66 -21.64
N PRO D 36 47.60 -3.59 -22.17
CA PRO D 36 47.19 -3.67 -23.57
C PRO D 36 48.40 -3.90 -24.46
N GLY D 37 48.26 -4.77 -25.46
CA GLY D 37 49.38 -5.16 -26.30
C GLY D 37 49.86 -6.57 -25.96
N ASP D 38 49.64 -6.99 -24.72
CA ASP D 38 49.96 -8.37 -24.33
C ASP D 38 49.11 -9.32 -25.13
N PRO D 39 49.65 -10.51 -25.45
CA PRO D 39 48.80 -11.54 -26.03
C PRO D 39 47.82 -12.06 -24.97
N ALA D 40 46.63 -12.44 -25.42
CA ALA D 40 45.61 -12.94 -24.53
C ALA D 40 45.69 -14.46 -24.39
N GLU D 41 46.76 -14.94 -23.79
CA GLU D 41 47.03 -16.38 -23.74
C GLU D 41 46.63 -17.06 -22.42
N ARG D 42 46.01 -16.33 -21.51
CA ARG D 42 45.78 -16.84 -20.16
C ARG D 42 44.41 -16.49 -19.56
N VAL D 43 43.96 -17.35 -18.64
CA VAL D 43 42.79 -17.09 -17.79
C VAL D 43 43.30 -17.00 -16.37
N TYR D 44 42.59 -16.28 -15.51
CA TYR D 44 43.02 -16.08 -14.12
C TYR D 44 41.89 -16.32 -13.14
N LEU D 45 42.27 -16.68 -11.91
CA LEU D 45 41.34 -16.70 -10.78
C LEU D 45 41.95 -15.84 -9.70
N LEU D 46 41.28 -14.74 -9.38
CA LEU D 46 41.71 -13.85 -8.31
C LEU D 46 41.36 -14.52 -6.99
N VAL D 47 42.36 -14.90 -6.22
CA VAL D 47 42.16 -15.64 -4.98
C VAL D 47 42.04 -14.68 -3.78
N LYS D 48 42.94 -13.71 -3.73
CA LYS D 48 42.99 -12.76 -2.62
C LYS D 48 43.43 -11.37 -3.08
N GLY D 49 42.63 -10.36 -2.73
CA GLY D 49 42.89 -8.98 -3.11
C GLY D 49 41.88 -8.45 -4.11
N ALA D 50 42.21 -7.30 -4.72
CA ALA D 50 41.34 -6.67 -5.71
C ALA D 50 42.15 -6.33 -6.95
N VAL D 51 41.58 -6.64 -8.12
CA VAL D 51 42.21 -6.34 -9.40
C VAL D 51 41.37 -5.32 -10.17
N LYS D 52 42.05 -4.31 -10.71
CA LYS D 52 41.40 -3.23 -11.42
C LYS D 52 41.65 -3.33 -12.91
N LEU D 53 40.60 -3.63 -13.67
CA LEU D 53 40.65 -3.57 -15.13
C LEU D 53 40.37 -2.14 -15.58
N SER D 54 41.32 -1.56 -16.33
CA SER D 54 41.20 -0.18 -16.80
C SER D 54 41.41 -0.08 -18.31
N ARG D 55 40.78 0.94 -18.89
CA ARG D 55 40.95 1.29 -20.29
C ARG D 55 41.73 2.58 -20.35
N VAL D 56 42.91 2.53 -20.96
CA VAL D 56 43.76 3.71 -21.10
C VAL D 56 43.46 4.41 -22.40
N TYR D 57 42.95 5.64 -22.31
CA TYR D 57 42.74 6.47 -23.48
C TYR D 57 44.05 7.14 -23.82
N GLU D 58 44.91 6.41 -24.51
CA GLU D 58 46.10 7.01 -25.10
C GLU D 58 45.67 8.18 -26.02
N SER D 59 46.16 9.39 -25.78
CA SER D 59 47.12 9.71 -24.71
C SER D 59 46.38 10.22 -23.46
N GLY D 60 46.96 9.99 -22.29
CA GLY D 60 46.47 10.57 -21.05
C GLY D 60 45.65 9.63 -20.19
N GLU D 61 44.38 9.97 -19.99
CA GLU D 61 43.59 9.46 -18.86
C GLU D 61 43.15 8.00 -18.94
N GLU D 62 42.60 7.54 -17.81
CA GLU D 62 42.14 6.16 -17.61
C GLU D 62 40.70 6.11 -17.13
N ILE D 63 40.02 5.01 -17.46
CA ILE D 63 38.68 4.73 -16.96
C ILE D 63 38.63 3.31 -16.39
N THR D 64 38.03 3.15 -15.21
CA THR D 64 37.95 1.83 -14.59
C THR D 64 36.75 1.08 -15.14
N VAL D 65 37.02 -0.03 -15.80
CA VAL D 65 36.00 -0.92 -16.35
C VAL D 65 35.46 -1.90 -15.29
N ALA D 66 36.31 -2.28 -14.34
CA ALA D 66 35.91 -3.24 -13.31
C ALA D 66 36.91 -3.29 -12.15
N LEU D 67 36.41 -3.18 -10.92
CA LEU D 67 37.16 -3.57 -9.75
C LEU D 67 36.67 -4.96 -9.39
N LEU D 68 37.52 -5.96 -9.61
CA LEU D 68 37.15 -7.36 -9.39
C LEU D 68 37.44 -7.76 -7.95
N ARG D 69 36.52 -8.52 -7.34
CA ARG D 69 36.70 -9.02 -5.97
C ARG D 69 37.17 -10.48 -5.96
N GLU D 70 37.31 -11.03 -4.76
CA GLU D 70 37.94 -12.34 -4.60
C GLU D 70 37.12 -13.45 -5.25
N ASN D 71 37.85 -14.48 -5.69
CA ASN D 71 37.31 -15.66 -6.35
C ASN D 71 36.62 -15.37 -7.68
N SER D 72 37.17 -14.40 -8.41
CA SER D 72 36.64 -13.98 -9.71
C SER D 72 37.52 -14.54 -10.82
N VAL D 73 36.90 -15.06 -11.88
CA VAL D 73 37.65 -15.40 -13.08
C VAL D 73 37.80 -14.12 -13.90
N PHE D 74 39.00 -13.86 -14.39
CA PHE D 74 39.16 -12.77 -15.36
C PHE D 74 40.20 -13.14 -16.40
N GLY D 75 40.53 -12.20 -17.28
CA GLY D 75 41.31 -12.50 -18.47
C GLY D 75 40.44 -13.16 -19.53
N VAL D 76 39.13 -13.13 -19.30
CA VAL D 76 38.15 -13.88 -20.07
C VAL D 76 38.28 -13.81 -21.61
N LEU D 77 38.92 -12.77 -22.14
CA LEU D 77 39.14 -12.66 -23.59
C LEU D 77 39.83 -13.90 -24.16
N SER D 78 40.75 -14.49 -23.40
CA SER D 78 41.50 -15.64 -23.89
C SER D 78 40.59 -16.80 -24.32
N LEU D 79 39.46 -16.98 -23.63
CA LEU D 79 38.52 -18.06 -23.98
C LEU D 79 37.90 -17.95 -25.39
N LEU D 80 37.79 -16.73 -25.91
CA LEU D 80 37.39 -16.54 -27.32
C LEU D 80 38.51 -17.03 -28.26
N THR D 81 38.24 -18.08 -29.02
CA THR D 81 39.27 -18.74 -29.85
C THR D 81 39.28 -18.21 -31.29
N ARG D 84 45.20 -16.15 -31.73
CA ARG D 84 44.80 -15.53 -30.48
C ARG D 84 44.40 -14.06 -30.70
N SER D 85 44.26 -13.32 -29.59
CA SER D 85 43.95 -11.89 -29.61
C SER D 85 44.90 -11.14 -28.69
N ASP D 86 44.84 -9.80 -28.75
CA ASP D 86 45.61 -8.96 -27.84
C ASP D 86 44.71 -8.33 -26.78
N ARG D 87 45.24 -8.28 -25.56
CA ARG D 87 44.65 -7.50 -24.50
C ARG D 87 44.43 -6.06 -24.96
N PHE D 88 43.30 -5.48 -24.57
CA PHE D 88 43.05 -4.05 -24.76
C PHE D 88 42.80 -3.32 -23.44
N TYR D 89 42.69 -4.07 -22.33
CA TYR D 89 42.59 -3.46 -21.01
C TYR D 89 43.90 -3.61 -20.25
N HIS D 90 43.98 -2.88 -19.14
CA HIS D 90 45.15 -2.92 -18.27
C HIS D 90 44.76 -3.55 -16.94
N ALA D 91 45.32 -4.71 -16.64
CA ALA D 91 45.03 -5.45 -15.41
C ALA D 91 46.08 -5.13 -14.36
N VAL D 92 45.66 -4.56 -13.23
CA VAL D 92 46.58 -4.12 -12.19
C VAL D 92 46.15 -4.60 -10.80
N ALA D 93 47.13 -4.94 -9.98
CA ALA D 93 46.87 -5.26 -8.58
C ALA D 93 46.48 -3.98 -7.85
N PHE D 94 45.21 -3.84 -7.49
CA PHE D 94 44.73 -2.61 -6.84
C PHE D 94 45.16 -2.59 -5.39
N THR D 95 45.12 -3.78 -4.79
CA THR D 95 45.67 -4.02 -3.47
C THR D 95 46.73 -5.09 -3.68
N PRO D 96 47.37 -5.57 -2.60
CA PRO D 96 48.23 -6.74 -2.81
C PRO D 96 47.38 -7.92 -3.25
N VAL D 97 47.83 -8.67 -4.25
CA VAL D 97 47.00 -9.68 -4.89
C VAL D 97 47.62 -11.07 -4.89
N GLN D 98 46.79 -12.07 -4.61
CA GLN D 98 47.13 -13.48 -4.84
C GLN D 98 46.19 -14.02 -5.90
N LEU D 99 46.75 -14.65 -6.93
CA LEU D 99 45.95 -15.24 -8.00
C LEU D 99 46.59 -16.50 -8.57
N PHE D 100 45.78 -17.32 -9.22
CA PHE D 100 46.26 -18.38 -10.10
C PHE D 100 46.08 -17.92 -11.53
N SER D 101 47.04 -18.25 -12.39
CA SER D 101 46.87 -18.08 -13.83
C SER D 101 47.11 -19.42 -14.51
N VAL D 102 46.43 -19.63 -15.65
CA VAL D 102 46.58 -20.85 -16.43
C VAL D 102 46.62 -20.48 -17.91
N PRO D 103 47.55 -21.08 -18.67
CA PRO D 103 47.45 -20.93 -20.11
C PRO D 103 46.15 -21.51 -20.63
N ILE D 104 45.63 -20.95 -21.73
CA ILE D 104 44.37 -21.44 -22.29
C ILE D 104 44.42 -22.92 -22.57
N GLU D 105 45.52 -23.36 -23.19
CA GLU D 105 45.60 -24.70 -23.74
C GLU D 105 45.41 -25.74 -22.64
N PHE D 106 46.10 -25.55 -21.51
CA PHE D 106 45.91 -26.39 -20.33
C PHE D 106 44.45 -26.39 -19.88
N MET D 107 43.81 -25.21 -19.96
CA MET D 107 42.45 -25.06 -19.46
C MET D 107 41.44 -25.64 -20.45
N GLN D 108 41.58 -25.29 -21.73
CA GLN D 108 40.73 -25.86 -22.78
C GLN D 108 40.81 -27.38 -22.74
N LYS D 109 42.05 -27.90 -22.78
CA LYS D 109 42.31 -29.33 -22.68
C LYS D 109 41.65 -29.92 -21.44
N ALA D 110 41.97 -29.36 -20.27
CA ALA D 110 41.43 -29.83 -18.99
C ALA D 110 39.92 -30.03 -19.07
N LEU D 111 39.23 -29.02 -19.58
CA LEU D 111 37.76 -29.04 -19.73
C LEU D 111 37.28 -30.06 -20.75
N ILE D 112 38.12 -30.40 -21.72
CA ILE D 112 37.78 -31.42 -22.73
C ILE D 112 38.10 -32.84 -22.23
N GLU D 113 39.19 -32.96 -21.47
CA GLU D 113 39.55 -34.23 -20.83
C GLU D 113 38.64 -34.54 -19.65
N ARG D 114 38.49 -33.56 -18.76
CA ARG D 114 37.62 -33.66 -17.59
C ARG D 114 36.47 -32.64 -17.70
N PRO D 115 35.38 -32.98 -18.43
CA PRO D 115 34.29 -32.04 -18.64
C PRO D 115 33.23 -32.04 -17.52
N GLU D 116 33.68 -31.90 -16.27
CA GLU D 116 32.79 -31.62 -15.14
C GLU D 116 33.19 -30.32 -14.45
N LEU D 117 34.32 -29.75 -14.84
CA LEU D 117 34.83 -28.53 -14.23
C LEU D 117 34.27 -27.30 -14.91
N ALA D 118 33.31 -27.50 -15.80
CA ALA D 118 32.77 -26.43 -16.65
C ALA D 118 31.62 -25.69 -15.96
N ASN D 119 30.87 -26.42 -15.13
CA ASN D 119 29.79 -25.86 -14.32
C ASN D 119 30.25 -24.67 -13.47
N VAL D 120 31.44 -24.80 -12.88
CA VAL D 120 31.98 -23.78 -11.97
C VAL D 120 32.41 -22.54 -12.74
N MET D 121 33.05 -22.78 -13.89
CA MET D 121 33.41 -21.72 -14.80
C MET D 121 32.18 -21.00 -15.36
N LEU D 122 31.17 -21.78 -15.73
CA LEU D 122 29.91 -21.21 -16.20
C LEU D 122 29.25 -20.32 -15.14
N GLN D 123 29.34 -20.74 -13.87
CA GLN D 123 28.82 -19.93 -12.77
C GLN D 123 29.73 -18.73 -12.53
N GLY D 124 31.03 -18.95 -12.60
CA GLY D 124 31.98 -17.87 -12.46
C GLY D 124 31.76 -16.76 -13.48
N LEU D 125 31.63 -17.16 -14.74
CA LEU D 125 31.38 -16.20 -15.81
C LEU D 125 29.99 -15.57 -15.67
N SER D 126 28.99 -16.36 -15.31
CA SER D 126 27.66 -15.82 -15.08
C SER D 126 27.70 -14.73 -14.02
N SER D 127 28.47 -14.96 -12.96
CA SER D 127 28.57 -13.99 -11.88
C SER D 127 29.13 -12.67 -12.37
N ARG D 128 30.18 -12.74 -13.18
CA ARG D 128 30.79 -11.56 -13.74
C ARG D 128 29.86 -10.79 -14.65
N ILE D 129 28.95 -11.50 -15.31
CA ILE D 129 27.95 -10.82 -16.13
C ILE D 129 27.02 -10.05 -15.20
N LEU D 130 26.55 -10.73 -14.16
CA LEU D 130 25.68 -10.10 -13.19
C LEU D 130 26.36 -8.93 -12.47
N GLN D 131 27.66 -9.04 -12.24
CA GLN D 131 28.40 -7.99 -11.54
C GLN D 131 28.68 -6.79 -12.43
N THR D 132 29.01 -7.05 -13.69
CA THR D 132 29.21 -5.97 -14.64
C THR D 132 27.91 -5.19 -14.86
N GLU D 133 26.79 -5.91 -14.81
CA GLU D 133 25.50 -5.31 -14.99
C GLU D 133 25.15 -4.41 -13.84
N MET D 134 25.69 -4.68 -12.66
CA MET D 134 25.54 -3.79 -11.52
C MET D 134 26.21 -2.46 -11.79
N MET D 135 27.39 -2.51 -12.38
CA MET D 135 28.15 -1.33 -12.66
C MET D 135 27.43 -0.50 -13.71
N ILE D 136 26.66 -1.16 -14.58
CA ILE D 136 25.82 -0.40 -15.52
C ILE D 136 24.70 0.29 -14.77
N GLU D 137 24.07 -0.39 -13.81
CA GLU D 137 23.01 0.24 -13.02
C GLU D 137 23.55 1.51 -12.39
N THR D 138 24.81 1.46 -11.97
CA THR D 138 25.44 2.58 -11.30
C THR D 138 25.63 3.73 -12.30
N LEU D 139 26.52 3.55 -13.25
CA LEU D 139 26.80 4.56 -14.28
C LEU D 139 25.57 5.06 -15.02
N ALA D 140 24.49 4.27 -14.98
CA ALA D 140 23.21 4.62 -15.58
C ALA D 140 22.58 5.85 -14.94
N HIS D 141 22.72 5.98 -13.62
CA HIS D 141 22.16 7.13 -12.92
C HIS D 141 22.66 8.43 -13.51
N ARG D 142 21.74 9.36 -13.71
CA ARG D 142 22.07 10.70 -14.22
C ARG D 142 22.68 11.55 -13.10
N ASP D 143 22.36 11.20 -11.86
CA ASP D 143 22.73 11.99 -10.71
C ASP D 143 24.05 11.50 -10.12
N MET D 144 25.05 12.38 -9.99
CA MET D 144 26.37 11.90 -9.57
C MET D 144 26.35 11.36 -8.16
N GLY D 145 25.59 11.99 -7.28
CA GLY D 145 25.47 11.51 -5.90
C GLY D 145 24.95 10.09 -5.86
N SER D 146 23.94 9.78 -6.68
CA SER D 146 23.39 8.43 -6.72
C SER D 146 24.43 7.43 -7.16
N ARG D 147 25.17 7.78 -8.21
CA ARG D 147 26.32 6.99 -8.64
C ARG D 147 27.27 6.66 -7.49
N LEU D 148 27.66 7.69 -6.74
CA LEU D 148 28.55 7.48 -5.61
C LEU D 148 27.94 6.45 -4.68
N VAL D 149 26.76 6.76 -4.16
CA VAL D 149 26.09 5.88 -3.22
C VAL D 149 26.01 4.46 -3.80
N SER D 150 25.56 4.37 -5.05
CA SER D 150 25.43 3.09 -5.72
C SER D 150 26.78 2.36 -5.71
N PHE D 151 27.83 3.07 -6.11
CA PHE D 151 29.15 2.49 -6.17
C PHE D 151 29.63 2.09 -4.77
N LEU D 152 29.50 2.99 -3.81
CA LEU D 152 29.87 2.67 -2.42
C LEU D 152 29.19 1.38 -1.94
N LEU D 153 27.89 1.26 -2.22
CA LEU D 153 27.15 0.07 -1.81
C LEU D 153 27.71 -1.22 -2.44
N ILE D 154 28.07 -1.16 -3.72
CA ILE D 154 28.69 -2.31 -4.36
C ILE D 154 29.96 -2.69 -3.59
N LEU D 155 30.77 -1.67 -3.28
CA LEU D 155 32.05 -1.90 -2.59
C LEU D 155 31.85 -2.49 -1.20
N CYS D 156 30.70 -2.23 -0.58
CA CYS D 156 30.37 -2.82 0.71
C CYS D 156 30.10 -4.30 0.60
N ARG D 157 29.40 -4.73 -0.45
CA ARG D 157 29.14 -6.15 -0.68
C ARG D 157 30.45 -6.83 -1.00
N ASP D 158 31.21 -6.22 -1.90
CA ASP D 158 32.35 -6.84 -2.52
C ASP D 158 33.59 -6.83 -1.63
N PHE D 159 33.83 -5.71 -0.92
CA PHE D 159 35.06 -5.55 -0.12
C PHE D 159 34.77 -5.13 1.32
N GLY D 160 33.53 -5.34 1.76
CA GLY D 160 33.11 -4.87 3.08
C GLY D 160 33.52 -5.78 4.21
N ILE D 161 33.91 -5.15 5.32
CA ILE D 161 34.11 -5.80 6.61
C ILE D 161 32.91 -5.38 7.46
N PRO D 162 32.46 -6.24 8.39
CA PRO D 162 31.41 -5.83 9.30
C PRO D 162 31.88 -4.76 10.29
N SER D 163 30.92 -4.12 10.94
CA SER D 163 31.17 -2.97 11.83
C SER D 163 29.86 -2.53 12.52
N PRO D 164 29.94 -2.17 13.82
CA PRO D 164 28.75 -1.94 14.65
C PRO D 164 27.59 -1.22 13.94
N ASP D 165 27.85 -0.03 13.40
CA ASP D 165 26.79 0.75 12.78
C ASP D 165 26.62 0.49 11.26
N GLY D 166 27.50 -0.30 10.64
CA GLY D 166 27.44 -0.46 9.19
C GLY D 166 28.50 -1.36 8.58
N ILE D 167 29.22 -0.87 7.56
CA ILE D 167 30.19 -1.68 6.80
C ILE D 167 31.42 -0.87 6.36
N THR D 168 32.62 -1.46 6.44
CA THR D 168 33.86 -0.77 6.07
C THR D 168 34.46 -1.36 4.80
N ILE D 169 34.45 -0.55 3.75
CA ILE D 169 35.06 -0.94 2.50
C ILE D 169 36.55 -1.11 2.78
N ASP D 170 37.06 -2.31 2.53
CA ASP D 170 38.41 -2.66 2.89
C ASP D 170 39.38 -2.39 1.75
N LEU D 171 39.43 -1.13 1.30
CA LEU D 171 40.33 -0.73 0.21
C LEU D 171 40.89 0.66 0.52
N LYS D 172 42.15 0.90 0.15
CA LYS D 172 42.67 2.26 0.08
C LYS D 172 42.11 2.88 -1.21
N LEU D 173 41.06 3.69 -1.06
CA LEU D 173 40.37 4.30 -2.18
C LEU D 173 40.69 5.78 -2.27
N SER D 174 41.51 6.17 -3.25
CA SER D 174 41.69 7.58 -3.54
C SER D 174 40.41 8.12 -4.18
N HIS D 175 40.15 9.42 -4.00
CA HIS D 175 38.97 10.02 -4.58
C HIS D 175 39.11 9.98 -6.09
N GLN D 176 40.38 10.05 -6.53
CA GLN D 176 40.70 9.93 -7.95
C GLN D 176 40.29 8.56 -8.50
N ALA D 177 40.59 7.50 -7.73
CA ALA D 177 40.14 6.15 -8.04
C ALA D 177 38.62 6.11 -8.17
N ILE D 178 37.94 6.62 -7.15
CA ILE D 178 36.47 6.65 -7.17
C ILE D 178 36.00 7.40 -8.43
N ALA D 179 36.69 8.50 -8.75
CA ALA D 179 36.34 9.33 -9.90
C ALA D 179 36.37 8.51 -11.18
N GLU D 180 37.40 7.70 -11.33
CA GLU D 180 37.60 6.91 -12.54
C GLU D 180 36.67 5.72 -12.65
N ALA D 181 35.97 5.39 -11.57
CA ALA D 181 35.02 4.26 -11.57
C ALA D 181 33.61 4.71 -11.85
N ILE D 182 33.25 5.87 -11.32
CA ILE D 182 31.89 6.39 -11.45
C ILE D 182 31.75 7.45 -12.55
N GLY D 183 32.82 7.70 -13.29
CA GLY D 183 32.76 8.57 -14.46
C GLY D 183 32.67 10.03 -14.07
N SER D 184 33.41 10.41 -13.06
CA SER D 184 33.39 11.77 -12.53
C SER D 184 34.81 12.30 -12.40
N THR D 185 34.93 13.38 -11.64
CA THR D 185 36.21 14.02 -11.39
C THR D 185 36.47 14.09 -9.88
N ARG D 186 37.74 14.21 -9.56
CA ARG D 186 38.20 14.17 -8.17
C ARG D 186 37.54 15.23 -7.29
N VAL D 187 37.43 16.43 -7.83
CA VAL D 187 36.78 17.55 -7.13
C VAL D 187 35.34 17.21 -6.71
N THR D 188 34.59 16.54 -7.58
CA THR D 188 33.19 16.24 -7.27
C THR D 188 33.04 15.14 -6.20
N VAL D 189 33.91 14.14 -6.26
CA VAL D 189 33.91 13.03 -5.30
C VAL D 189 34.20 13.55 -3.91
N THR D 190 35.27 14.34 -3.81
CA THR D 190 35.69 14.92 -2.54
C THR D 190 34.56 15.76 -1.94
N ARG D 191 33.87 16.50 -2.82
CA ARG D 191 32.72 17.29 -2.42
C ARG D 191 31.56 16.41 -1.96
N LEU D 192 31.17 15.44 -2.79
CA LEU D 192 29.99 14.62 -2.50
C LEU D 192 30.16 13.76 -1.25
N LEU D 193 31.38 13.25 -1.06
CA LEU D 193 31.72 12.51 0.14
C LEU D 193 31.57 13.40 1.37
N GLY D 194 31.99 14.65 1.25
CA GLY D 194 31.78 15.64 2.30
C GLY D 194 30.31 15.74 2.68
N ASP D 195 29.46 16.01 1.69
CA ASP D 195 28.01 16.12 1.90
C ASP D 195 27.45 14.85 2.51
N LEU D 196 27.95 13.71 2.04
CA LEU D 196 27.54 12.43 2.58
C LEU D 196 27.98 12.34 4.03
N ARG D 197 29.22 12.73 4.28
CA ARG D 197 29.77 12.66 5.62
C ARG D 197 28.97 13.60 6.50
N GLU D 198 28.93 14.88 6.15
CA GLU D 198 28.19 15.88 6.93
C GLU D 198 26.71 15.55 7.15
N SER D 199 26.17 14.57 6.42
CA SER D 199 24.81 14.07 6.71
C SER D 199 24.82 12.87 7.68
N LYS D 200 25.99 12.56 8.21
CA LYS D 200 26.14 11.45 9.15
C LYS D 200 25.71 10.15 8.48
N LEU D 201 26.21 9.92 7.26
CA LEU D 201 25.90 8.71 6.50
C LEU D 201 27.11 7.80 6.24
N ILE D 202 28.30 8.38 6.15
CA ILE D 202 29.53 7.60 6.10
C ILE D 202 30.57 8.20 7.03
N ALA D 203 31.71 7.55 7.14
CA ALA D 203 32.85 8.06 7.87
C ALA D 203 34.11 7.62 7.19
N ILE D 204 35.13 8.44 7.35
CA ILE D 204 36.42 8.12 6.81
C ILE D 204 37.34 8.11 7.99
N HIS D 205 37.70 6.91 8.44
CA HIS D 205 38.55 6.71 9.63
C HIS D 205 39.69 5.79 9.26
N LYS D 206 40.91 6.16 9.66
CA LYS D 206 42.11 5.46 9.22
C LYS D 206 42.00 5.14 7.73
N LYS D 207 41.85 6.19 6.93
CA LYS D 207 41.89 6.13 5.45
C LYS D 207 40.88 5.19 4.75
N ARG D 208 39.87 4.72 5.46
CA ARG D 208 38.92 3.76 4.89
C ARG D 208 37.51 4.29 4.99
N ILE D 209 36.70 4.06 3.94
CA ILE D 209 35.33 4.54 3.99
C ILE D 209 34.49 3.53 4.73
N THR D 210 33.70 4.02 5.68
CA THR D 210 32.74 3.18 6.38
C THR D 210 31.36 3.75 6.11
N VAL D 211 30.44 2.95 5.60
CA VAL D 211 29.08 3.43 5.36
C VAL D 211 28.17 2.83 6.42
N PHE D 212 27.55 3.69 7.21
CA PHE D 212 26.70 3.24 8.31
C PHE D 212 25.40 2.74 7.71
N ASN D 213 24.88 1.65 8.27
CA ASN D 213 23.58 1.14 7.92
C ASN D 213 23.28 1.24 6.42
N PRO D 214 24.00 0.47 5.60
CA PRO D 214 23.80 0.52 4.16
C PRO D 214 22.36 0.20 3.71
N VAL D 215 21.75 -0.88 4.23
CA VAL D 215 20.38 -1.26 3.81
C VAL D 215 19.38 -0.09 3.82
N ALA D 216 19.43 0.72 4.87
CA ALA D 216 18.67 1.97 4.93
C ALA D 216 18.91 2.79 3.68
N LEU D 217 20.20 3.01 3.42
CA LEU D 217 20.68 3.82 2.31
C LEU D 217 20.42 3.16 0.95
N SER D 218 20.38 1.83 0.90
CA SER D 218 20.08 1.16 -0.37
C SER D 218 18.61 1.32 -0.76
N GLN D 219 17.75 1.76 0.17
CA GLN D 219 16.35 2.08 -0.18
C GLN D 219 16.25 3.41 -0.94
N GLN D 220 17.27 4.26 -0.85
CA GLN D 220 17.46 5.38 -1.81
C GLN D 220 17.15 4.98 -3.26
N PHE D 221 17.50 3.76 -3.66
CA PHE D 221 17.17 3.30 -5.01
C PHE D 221 15.83 2.63 -5.02
N SER D 222 15.78 1.41 -4.48
CA SER D 222 14.57 0.61 -4.51
C SER D 222 14.65 -0.57 -3.53
N ASN E 6 27.31 -19.29 -35.02
CA ASN E 6 26.48 -20.46 -35.43
C ASN E 6 26.40 -21.49 -34.29
N SER E 7 27.56 -22.03 -33.90
CA SER E 7 27.70 -23.11 -32.88
C SER E 7 26.65 -23.20 -31.78
N LEU E 8 26.28 -22.05 -31.20
CA LEU E 8 25.38 -22.04 -30.03
C LEU E 8 24.00 -22.58 -30.38
N LEU E 9 23.47 -22.13 -31.52
CA LEU E 9 22.23 -22.69 -32.11
C LEU E 9 22.24 -24.21 -32.09
N THR E 10 23.32 -24.77 -32.64
CA THR E 10 23.44 -26.20 -32.85
C THR E 10 23.56 -26.97 -31.51
N MET E 11 24.11 -26.31 -30.48
CA MET E 11 24.16 -26.88 -29.12
C MET E 11 22.76 -26.93 -28.48
N PHE E 12 22.12 -25.76 -28.43
CA PHE E 12 20.81 -25.58 -27.81
C PHE E 12 19.73 -26.46 -28.43
N ARG E 13 19.61 -26.40 -29.76
CA ARG E 13 18.63 -27.19 -30.53
C ARG E 13 18.51 -28.62 -30.02
N GLU E 14 19.66 -29.30 -29.97
CA GLU E 14 19.71 -30.71 -29.62
C GLU E 14 19.28 -30.94 -28.16
N LEU E 15 19.54 -29.94 -27.33
CA LEU E 15 19.08 -29.94 -25.93
C LEU E 15 17.56 -29.88 -25.85
N LYS E 19 15.14 -36.24 -24.89
CA LYS E 19 15.12 -37.07 -26.08
C LYS E 19 14.36 -36.42 -27.26
N LEU E 20 13.39 -35.54 -26.98
CA LEU E 20 12.67 -34.76 -28.01
C LEU E 20 13.37 -33.44 -28.34
N PRO E 21 13.20 -32.92 -29.58
CA PRO E 21 13.87 -31.68 -29.99
C PRO E 21 13.32 -30.47 -29.26
N LEU E 22 14.11 -29.40 -29.23
CA LEU E 22 13.70 -28.16 -28.56
C LEU E 22 13.03 -27.23 -29.56
N GLN E 23 11.83 -26.79 -29.24
CA GLN E 23 11.05 -25.91 -30.11
C GLN E 23 11.44 -24.45 -29.89
N ILE E 24 11.45 -23.69 -30.98
CA ILE E 24 11.77 -22.27 -30.92
C ILE E 24 10.51 -21.59 -30.39
N GLU E 25 10.70 -20.54 -29.61
CA GLU E 25 9.57 -19.78 -29.06
C GLU E 25 9.45 -18.45 -29.75
N GLN E 26 8.22 -18.05 -30.07
CA GLN E 26 7.97 -16.72 -30.62
C GLN E 26 7.58 -15.76 -29.51
N PHE E 27 7.96 -14.50 -29.70
CA PHE E 27 7.63 -13.44 -28.77
C PHE E 27 7.35 -12.18 -29.56
N GLU E 28 6.13 -11.68 -29.48
CA GLU E 28 5.73 -10.46 -30.18
C GLU E 28 6.54 -9.29 -29.61
N ARG E 29 6.72 -8.22 -30.39
CA ARG E 29 7.38 -7.02 -29.85
C ARG E 29 6.68 -6.61 -28.58
N GLY E 30 7.45 -6.32 -27.53
CA GLY E 30 6.92 -5.82 -26.26
C GLY E 30 6.53 -6.87 -25.25
N LYS E 31 6.37 -8.13 -25.68
CA LYS E 31 6.06 -9.26 -24.78
C LYS E 31 7.21 -9.57 -23.79
N THR E 32 6.86 -9.86 -22.54
CA THR E 32 7.86 -10.15 -21.49
C THR E 32 8.36 -11.58 -21.57
N ILE E 33 9.67 -11.76 -21.44
CA ILE E 33 10.29 -13.07 -21.35
C ILE E 33 10.39 -13.44 -19.89
N PHE E 34 10.83 -12.51 -19.04
CA PHE E 34 10.65 -12.68 -17.58
C PHE E 34 10.52 -11.37 -16.81
N PHE E 35 9.68 -11.44 -15.77
CA PHE E 35 9.39 -10.33 -14.85
C PHE E 35 10.27 -10.43 -13.62
N PRO E 36 10.73 -9.29 -13.09
CA PRO E 36 11.37 -9.34 -11.79
C PRO E 36 10.44 -10.04 -10.84
N GLY E 37 10.94 -11.05 -10.12
CA GLY E 37 10.17 -11.80 -9.16
C GLY E 37 10.04 -13.26 -9.48
N ASP E 38 10.01 -13.61 -10.76
CA ASP E 38 9.91 -15.00 -11.18
C ASP E 38 11.13 -15.79 -10.75
N PRO E 39 10.94 -17.07 -10.40
CA PRO E 39 12.07 -17.93 -10.14
C PRO E 39 13.01 -18.01 -11.34
N ALA E 40 14.31 -17.95 -11.08
CA ALA E 40 15.34 -18.00 -12.12
C ALA E 40 15.63 -19.44 -12.52
N GLU E 41 14.64 -20.07 -13.16
CA GLU E 41 14.69 -21.52 -13.45
C GLU E 41 15.23 -21.87 -14.84
N ARG E 42 15.63 -20.88 -15.62
CA ARG E 42 15.90 -21.09 -17.05
C ARG E 42 17.08 -20.32 -17.61
N VAL E 43 17.66 -20.89 -18.68
CA VAL E 43 18.66 -20.22 -19.51
C VAL E 43 18.06 -20.07 -20.90
N TYR E 44 18.49 -19.05 -21.64
CA TYR E 44 17.94 -18.76 -22.97
C TYR E 44 19.03 -18.53 -24.00
N LEU E 45 18.68 -18.79 -25.27
CA LEU E 45 19.50 -18.42 -26.39
C LEU E 45 18.63 -17.60 -27.31
N LEU E 46 19.00 -16.34 -27.49
CA LEU E 46 18.27 -15.45 -28.38
C LEU E 46 18.69 -15.80 -29.79
N VAL E 47 17.75 -16.28 -30.60
CA VAL E 47 18.05 -16.75 -31.95
C VAL E 47 17.87 -15.64 -32.99
N LYS E 48 16.71 -14.97 -32.96
CA LYS E 48 16.42 -13.82 -33.83
C LYS E 48 15.75 -12.71 -33.04
N GLY E 49 16.16 -11.47 -33.31
CA GLY E 49 15.58 -10.29 -32.69
C GLY E 49 16.47 -9.63 -31.65
N ALA E 50 15.87 -8.78 -30.84
CA ALA E 50 16.60 -8.09 -29.78
C ALA E 50 15.82 -8.18 -28.48
N VAL E 51 16.52 -8.49 -27.40
CA VAL E 51 15.93 -8.56 -26.07
C VAL E 51 16.54 -7.48 -25.18
N LYS E 52 15.68 -6.77 -24.47
CA LYS E 52 16.10 -5.68 -23.60
C LYS E 52 15.98 -6.09 -22.15
N LEU E 53 17.11 -6.19 -21.46
CA LEU E 53 17.15 -6.35 -20.02
C LEU E 53 17.07 -4.98 -19.36
N SER E 54 16.07 -4.79 -18.50
CA SER E 54 15.88 -3.51 -17.81
C SER E 54 15.76 -3.68 -16.30
N ARG E 55 16.16 -2.64 -15.58
CA ARG E 55 16.00 -2.55 -14.14
C ARG E 55 14.93 -1.53 -13.86
N VAL E 56 13.85 -1.96 -13.21
CA VAL E 56 12.73 -1.09 -12.86
C VAL E 56 12.90 -0.56 -11.44
N TYR E 57 12.80 0.76 -11.27
CA TYR E 57 12.85 1.38 -9.93
C TYR E 57 11.46 1.53 -9.35
N GLU E 58 11.34 1.46 -8.02
CA GLU E 58 10.04 1.68 -7.38
C GLU E 58 9.54 3.08 -7.73
N SER E 59 10.47 3.95 -8.11
CA SER E 59 10.17 5.32 -8.51
C SER E 59 9.37 5.42 -9.82
N GLY E 60 9.28 4.32 -10.55
CA GLY E 60 8.60 4.29 -11.83
C GLY E 60 9.58 4.19 -13.00
N GLU E 61 10.72 4.88 -12.88
CA GLU E 61 11.72 4.96 -13.97
C GLU E 61 12.38 3.62 -14.26
N GLU E 62 12.73 3.39 -15.52
CA GLU E 62 13.45 2.20 -15.97
C GLU E 62 14.84 2.56 -16.52
N ILE E 63 15.78 1.64 -16.37
CA ILE E 63 17.11 1.78 -16.94
C ILE E 63 17.46 0.54 -17.75
N THR E 64 18.00 0.72 -18.95
CA THR E 64 18.37 -0.42 -19.77
C THR E 64 19.74 -0.92 -19.40
N VAL E 65 19.79 -2.17 -18.90
CA VAL E 65 21.03 -2.82 -18.53
C VAL E 65 21.74 -3.43 -19.74
N ALA E 66 20.97 -3.90 -20.72
CA ALA E 66 21.54 -4.56 -21.89
C ALA E 66 20.50 -4.70 -23.01
N LEU E 67 20.85 -4.27 -24.21
CA LEU E 67 20.13 -4.67 -25.42
C LEU E 67 20.95 -5.79 -25.99
N LEU E 68 20.41 -7.00 -25.92
CA LEU E 68 21.12 -8.20 -26.37
C LEU E 68 20.87 -8.43 -27.85
N ARG E 69 21.91 -8.86 -28.57
CA ARG E 69 21.76 -9.19 -30.01
C ARG E 69 21.67 -10.70 -30.26
N GLU E 70 21.58 -11.08 -31.53
CA GLU E 70 21.31 -12.47 -31.89
C GLU E 70 22.45 -13.39 -31.43
N ASN E 71 22.13 -14.66 -31.23
CA ASN E 71 23.06 -15.68 -30.72
C ASN E 71 23.64 -15.32 -29.36
N SER E 72 22.83 -14.74 -28.48
CA SER E 72 23.28 -14.43 -27.12
C SER E 72 22.65 -15.35 -26.11
N VAL E 73 23.44 -15.86 -25.17
CA VAL E 73 22.89 -16.57 -24.02
C VAL E 73 22.50 -15.53 -22.98
N PHE E 74 21.29 -15.66 -22.43
CA PHE E 74 20.90 -14.80 -21.33
C PHE E 74 20.06 -15.56 -20.32
N GLY E 75 19.59 -14.89 -19.28
CA GLY E 75 18.99 -15.56 -18.12
C GLY E 75 20.07 -16.11 -17.21
N VAL E 76 21.30 -15.71 -17.47
CA VAL E 76 22.49 -16.30 -16.87
C VAL E 76 22.49 -16.46 -15.34
N LEU E 77 21.62 -15.74 -14.63
CA LEU E 77 21.48 -15.91 -13.18
C LEU E 77 21.15 -17.35 -12.79
N SER E 78 20.36 -18.04 -13.62
CA SER E 78 19.96 -19.41 -13.31
C SER E 78 21.14 -20.35 -13.10
N LEU E 79 22.25 -20.13 -13.82
CA LEU E 79 23.45 -20.97 -13.67
C LEU E 79 24.08 -20.92 -12.27
N LEU E 80 23.94 -19.79 -11.57
CA LEU E 80 24.38 -19.70 -10.17
C LEU E 80 23.48 -20.59 -9.29
N THR E 81 24.06 -21.64 -8.71
CA THR E 81 23.29 -22.66 -7.98
C THR E 81 23.23 -22.34 -6.47
N GLY E 82 22.10 -22.66 -5.84
CA GLY E 82 21.93 -22.45 -4.39
C GLY E 82 20.48 -22.31 -3.98
N ARG E 84 17.07 -22.02 -5.52
CA ARG E 84 17.19 -21.12 -6.67
C ARG E 84 17.21 -19.66 -6.22
N SER E 85 17.10 -18.75 -7.20
CA SER E 85 17.04 -17.31 -6.96
C SER E 85 15.87 -16.70 -7.72
N ASP E 86 15.60 -15.42 -7.47
CA ASP E 86 14.58 -14.69 -8.22
C ASP E 86 15.21 -13.69 -9.17
N ARG E 87 14.61 -13.59 -10.35
CA ARG E 87 14.89 -12.53 -11.29
C ARG E 87 14.78 -11.16 -10.60
N PHE E 88 15.70 -10.26 -10.94
CA PHE E 88 15.60 -8.87 -10.53
C PHE E 88 15.56 -7.93 -11.72
N TYR E 89 15.77 -8.45 -12.93
CA TYR E 89 15.64 -7.62 -14.13
C TYR E 89 14.36 -7.99 -14.86
N HIS E 90 14.02 -7.17 -15.85
CA HIS E 90 12.85 -7.38 -16.68
C HIS E 90 13.29 -7.68 -18.11
N ALA E 91 13.03 -8.91 -18.56
CA ALA E 91 13.42 -9.36 -19.90
C ALA E 91 12.27 -9.16 -20.88
N VAL E 92 12.47 -8.32 -21.90
CA VAL E 92 11.38 -7.97 -22.85
C VAL E 92 11.82 -8.11 -24.30
N ALA E 93 10.89 -8.57 -25.15
CA ALA E 93 11.12 -8.62 -26.58
C ALA E 93 11.13 -7.18 -27.12
N PHE E 94 12.31 -6.68 -27.47
CA PHE E 94 12.41 -5.29 -27.92
C PHE E 94 11.89 -5.17 -29.32
N THR E 95 12.19 -6.19 -30.10
CA THR E 95 11.64 -6.37 -31.44
C THR E 95 10.90 -7.70 -31.39
N PRO E 96 10.33 -8.13 -32.51
CA PRO E 96 9.82 -9.51 -32.48
C PRO E 96 10.99 -10.50 -32.23
N VAL E 97 10.78 -11.49 -31.38
CA VAL E 97 11.87 -12.33 -30.93
C VAL E 97 11.60 -13.81 -31.16
N GLN E 98 12.64 -14.51 -31.63
CA GLN E 98 12.69 -15.97 -31.60
C GLN E 98 13.81 -16.40 -30.67
N LEU E 99 13.50 -17.28 -29.73
CA LEU E 99 14.49 -17.80 -28.79
C LEU E 99 14.22 -19.27 -28.42
N PHE E 100 15.28 -19.95 -27.94
CA PHE E 100 15.14 -21.20 -27.21
C PHE E 100 15.28 -20.92 -25.71
N SER E 101 14.50 -21.62 -24.90
CA SER E 101 14.72 -21.62 -23.46
C SER E 101 14.87 -23.07 -23.01
N VAL E 102 15.65 -23.26 -21.94
CA VAL E 102 15.85 -24.59 -21.37
C VAL E 102 15.82 -24.47 -19.85
N PRO E 103 15.13 -25.41 -19.16
CA PRO E 103 15.30 -25.46 -17.72
C PRO E 103 16.76 -25.75 -17.36
N ILE E 104 17.21 -25.17 -16.25
CA ILE E 104 18.62 -25.20 -15.89
C ILE E 104 19.17 -26.64 -15.92
N GLU E 105 18.45 -27.58 -15.30
CA GLU E 105 18.95 -28.96 -15.08
C GLU E 105 19.34 -29.64 -16.39
N PHE E 106 18.50 -29.49 -17.41
CA PHE E 106 18.78 -30.03 -18.73
C PHE E 106 20.13 -29.53 -19.27
N MET E 107 20.46 -28.26 -18.99
CA MET E 107 21.74 -27.69 -19.41
C MET E 107 22.93 -28.29 -18.67
N GLN E 108 22.73 -28.62 -17.40
CA GLN E 108 23.81 -29.17 -16.58
C GLN E 108 24.24 -30.51 -17.18
N LYS E 109 23.26 -31.36 -17.45
CA LYS E 109 23.49 -32.68 -17.98
C LYS E 109 23.95 -32.62 -19.43
N ALA E 110 23.20 -31.90 -20.26
CA ALA E 110 23.52 -31.75 -21.69
C ALA E 110 24.96 -31.30 -21.93
N LEU E 111 25.46 -30.38 -21.10
CA LEU E 111 26.86 -29.95 -21.16
C LEU E 111 27.80 -31.10 -20.74
N ILE E 112 27.54 -31.68 -19.56
CA ILE E 112 28.29 -32.84 -19.08
C ILE E 112 28.51 -33.86 -20.20
N GLU E 113 27.39 -34.32 -20.77
CA GLU E 113 27.37 -35.46 -21.70
C GLU E 113 27.95 -35.13 -23.08
N ARG E 114 27.35 -34.17 -23.78
CA ARG E 114 27.89 -33.64 -25.05
C ARG E 114 29.02 -32.66 -24.70
N PRO E 115 30.27 -33.17 -24.60
CA PRO E 115 31.31 -32.45 -23.86
C PRO E 115 31.90 -31.25 -24.59
N GLU E 116 32.19 -31.41 -25.88
CA GLU E 116 32.67 -30.33 -26.74
C GLU E 116 32.07 -28.97 -26.40
N LEU E 117 30.80 -28.93 -26.01
CA LEU E 117 29.97 -27.69 -26.01
C LEU E 117 29.90 -26.83 -24.73
N ALA E 118 30.43 -27.29 -23.58
CA ALA E 118 30.65 -26.36 -22.46
C ALA E 118 31.54 -25.22 -23.00
N ASN E 119 32.39 -25.53 -23.97
CA ASN E 119 33.23 -24.53 -24.64
C ASN E 119 32.41 -23.48 -25.38
N VAL E 120 31.26 -23.86 -25.92
CA VAL E 120 30.41 -22.93 -26.65
C VAL E 120 29.74 -21.97 -25.67
N MET E 121 29.26 -22.52 -24.56
CA MET E 121 28.70 -21.74 -23.46
C MET E 121 29.75 -20.83 -22.81
N LEU E 122 30.95 -21.35 -22.63
CA LEU E 122 32.05 -20.55 -22.11
C LEU E 122 32.41 -19.39 -23.02
N GLN E 123 32.35 -19.61 -24.33
CA GLN E 123 32.57 -18.53 -25.29
C GLN E 123 31.39 -17.59 -25.31
N GLY E 124 30.18 -18.14 -25.25
CA GLY E 124 28.97 -17.34 -25.21
C GLY E 124 28.98 -16.38 -24.04
N LEU E 125 29.27 -16.91 -22.85
CA LEU E 125 29.35 -16.09 -21.63
C LEU E 125 30.55 -15.11 -21.65
N SER E 126 31.68 -15.54 -22.17
CA SER E 126 32.81 -14.64 -22.36
C SER E 126 32.41 -13.46 -23.26
N SER E 127 31.66 -13.74 -24.31
CA SER E 127 31.25 -12.70 -25.21
C SER E 127 30.44 -11.64 -24.46
N ARG E 128 29.49 -12.09 -23.66
CA ARG E 128 28.61 -11.20 -22.89
C ARG E 128 29.35 -10.34 -21.86
N ILE E 129 30.34 -10.89 -21.16
CA ILE E 129 31.10 -10.08 -20.20
C ILE E 129 31.70 -8.88 -20.93
N LEU E 130 32.35 -9.13 -22.06
CA LEU E 130 33.07 -8.07 -22.78
C LEU E 130 32.11 -7.02 -23.32
N GLN E 131 30.99 -7.47 -23.83
CA GLN E 131 29.99 -6.57 -24.37
C GLN E 131 29.50 -5.61 -23.31
N THR E 132 29.29 -6.12 -22.10
CA THR E 132 28.84 -5.28 -21.01
C THR E 132 29.92 -4.28 -20.68
N GLU E 133 31.17 -4.72 -20.70
CA GLU E 133 32.27 -3.84 -20.38
C GLU E 133 32.40 -2.73 -21.42
N MET E 134 32.03 -3.03 -22.65
CA MET E 134 31.85 -2.00 -23.68
C MET E 134 30.79 -0.98 -23.26
N MET E 135 29.66 -1.47 -22.78
CA MET E 135 28.59 -0.57 -22.37
C MET E 135 29.01 0.35 -21.20
N ILE E 136 29.79 -0.17 -20.27
CA ILE E 136 30.35 0.64 -19.20
C ILE E 136 31.18 1.79 -19.77
N GLU E 137 32.08 1.46 -20.70
CA GLU E 137 32.94 2.47 -21.32
C GLU E 137 32.09 3.54 -21.96
N THR E 138 30.99 3.12 -22.56
CA THR E 138 30.07 4.04 -23.18
C THR E 138 29.47 4.93 -22.10
N LEU E 139 28.87 4.33 -21.08
CA LEU E 139 28.24 5.10 -20.00
C LEU E 139 29.19 6.02 -19.19
N ALA E 140 30.50 5.88 -19.35
CA ALA E 140 31.49 6.59 -18.54
C ALA E 140 31.91 7.93 -19.13
N HIS E 141 31.80 8.06 -20.46
CA HIS E 141 32.13 9.32 -21.12
C HIS E 141 31.44 10.47 -20.41
N ARG E 142 32.19 11.50 -20.08
CA ARG E 142 31.61 12.63 -19.34
C ARG E 142 30.63 13.41 -20.20
N ASP E 143 30.93 13.56 -21.48
CA ASP E 143 30.05 14.34 -22.35
C ASP E 143 29.09 13.46 -23.14
N MET E 144 27.82 13.80 -23.01
CA MET E 144 26.70 12.98 -23.45
C MET E 144 26.76 12.64 -24.93
N GLY E 145 27.27 13.57 -25.73
CA GLY E 145 27.42 13.36 -27.15
C GLY E 145 28.28 12.16 -27.47
N SER E 146 29.37 11.98 -26.73
CA SER E 146 30.25 10.83 -26.92
C SER E 146 29.48 9.56 -26.62
N ARG E 147 28.78 9.54 -25.49
CA ARG E 147 27.92 8.42 -25.14
C ARG E 147 27.03 8.03 -26.30
N LEU E 148 26.35 9.02 -26.88
CA LEU E 148 25.43 8.74 -27.97
C LEU E 148 26.19 8.09 -29.12
N VAL E 149 27.24 8.75 -29.57
CA VAL E 149 28.02 8.21 -30.66
C VAL E 149 28.54 6.82 -30.33
N SER E 150 29.07 6.65 -29.12
CA SER E 150 29.56 5.34 -28.68
C SER E 150 28.46 4.29 -28.76
N PHE E 151 27.29 4.62 -28.22
CA PHE E 151 26.14 3.72 -28.20
C PHE E 151 25.72 3.42 -29.64
N LEU E 152 25.54 4.46 -30.45
CA LEU E 152 25.15 4.27 -31.85
C LEU E 152 26.10 3.30 -32.57
N LEU E 153 27.40 3.45 -32.33
CA LEU E 153 28.39 2.58 -32.94
C LEU E 153 28.23 1.13 -32.52
N ILE E 154 27.94 0.89 -31.24
CA ILE E 154 27.66 -0.48 -30.77
C ILE E 154 26.46 -1.04 -31.53
N LEU E 155 25.41 -0.24 -31.65
CA LEU E 155 24.20 -0.69 -32.34
C LEU E 155 24.44 -1.00 -33.82
N CYS E 156 25.44 -0.35 -34.42
CA CYS E 156 25.83 -0.64 -35.81
C CYS E 156 26.42 -2.02 -35.98
N ARG E 157 27.27 -2.46 -35.05
CA ARG E 157 27.86 -3.78 -35.21
C ARG E 157 26.98 -4.87 -34.62
N ASP E 158 26.06 -4.50 -33.73
CA ASP E 158 25.12 -5.47 -33.18
C ASP E 158 23.87 -5.64 -34.02
N PHE E 159 23.31 -4.53 -34.53
CA PHE E 159 22.05 -4.57 -35.27
C PHE E 159 22.12 -3.90 -36.66
N GLY E 160 23.33 -3.69 -37.16
CA GLY E 160 23.52 -2.96 -38.41
C GLY E 160 23.21 -3.79 -39.64
N ILE E 161 22.50 -3.19 -40.58
CA ILE E 161 22.18 -3.81 -41.87
C ILE E 161 22.63 -2.86 -42.97
N PRO E 162 23.45 -3.33 -43.92
CA PRO E 162 23.93 -2.45 -44.98
C PRO E 162 22.84 -1.77 -45.79
N SER E 163 22.98 -0.46 -45.99
CA SER E 163 22.14 0.29 -46.90
C SER E 163 23.02 0.88 -47.98
N PRO E 164 22.42 1.27 -49.10
CA PRO E 164 23.16 2.06 -50.08
C PRO E 164 23.70 3.34 -49.48
N ASP E 165 22.98 3.91 -48.51
CA ASP E 165 23.36 5.17 -47.90
C ASP E 165 24.17 5.02 -46.62
N GLY E 166 24.58 3.80 -46.31
CA GLY E 166 25.45 3.55 -45.16
C GLY E 166 25.02 2.34 -44.35
N ILE E 167 25.28 2.39 -43.06
CA ILE E 167 24.89 1.31 -42.17
C ILE E 167 23.72 1.77 -41.34
N THR E 168 22.78 0.86 -41.21
CA THR E 168 21.49 1.17 -40.66
C THR E 168 21.16 0.27 -39.49
N ILE E 169 21.08 0.89 -38.31
CA ILE E 169 20.70 0.18 -37.10
C ILE E 169 19.30 -0.33 -37.34
N ASP E 170 19.13 -1.64 -37.27
CA ASP E 170 17.88 -2.29 -37.65
C ASP E 170 16.93 -2.44 -36.47
N LEU E 171 16.60 -1.32 -35.83
CA LEU E 171 15.71 -1.32 -34.66
C LEU E 171 14.81 -0.11 -34.68
N LYS E 172 13.59 -0.28 -34.16
CA LYS E 172 12.72 0.87 -33.88
C LYS E 172 13.19 1.45 -32.55
N LEU E 173 13.98 2.51 -32.65
CA LEU E 173 14.58 3.13 -31.49
C LEU E 173 13.91 4.45 -31.16
N SER E 174 13.08 4.48 -30.13
CA SER E 174 12.56 5.75 -29.62
C SER E 174 13.71 6.50 -28.96
N HIS E 175 13.61 7.83 -28.93
CA HIS E 175 14.65 8.63 -28.28
C HIS E 175 14.62 8.32 -26.81
N GLN E 176 13.43 8.02 -26.30
CA GLN E 176 13.26 7.61 -24.91
C GLN E 176 14.04 6.32 -24.62
N ALA E 177 13.95 5.35 -25.54
CA ALA E 177 14.74 4.11 -25.46
C ALA E 177 16.22 4.42 -25.38
N ILE E 178 16.69 5.25 -26.30
CA ILE E 178 18.09 5.65 -26.34
C ILE E 178 18.46 6.28 -25.00
N ALA E 179 17.56 7.12 -24.48
CA ALA E 179 17.76 7.84 -23.21
C ALA E 179 18.02 6.87 -22.08
N GLU E 180 17.22 5.81 -22.02
CA GLU E 180 17.31 4.82 -20.94
C GLU E 180 18.51 3.89 -21.06
N ALA E 181 19.19 3.90 -22.21
CA ALA E 181 20.36 3.06 -22.43
C ALA E 181 21.66 3.81 -22.17
N ILE E 182 21.69 5.11 -22.48
CA ILE E 182 22.89 5.92 -22.29
C ILE E 182 22.84 6.80 -21.03
N GLY E 183 21.78 6.67 -20.24
CA GLY E 183 21.70 7.35 -18.96
C GLY E 183 21.44 8.83 -19.11
N SER E 184 20.53 9.18 -20.01
CA SER E 184 20.18 10.56 -20.31
C SER E 184 18.67 10.71 -20.33
N THR E 185 18.22 11.80 -20.92
CA THR E 185 16.80 12.11 -21.00
C THR E 185 16.44 12.30 -22.47
N ARG E 186 15.14 12.17 -22.74
CA ARG E 186 14.62 12.22 -24.10
C ARG E 186 14.96 13.54 -24.79
N VAL E 187 14.80 14.65 -24.07
CA VAL E 187 15.10 15.98 -24.60
C VAL E 187 16.55 16.14 -25.06
N THR E 188 17.51 15.71 -24.23
CA THR E 188 18.93 15.76 -24.63
C THR E 188 19.22 14.92 -25.87
N VAL E 189 18.77 13.66 -25.90
CA VAL E 189 19.06 12.81 -27.04
C VAL E 189 18.39 13.38 -28.28
N THR E 190 17.14 13.83 -28.18
CA THR E 190 16.50 14.50 -29.32
C THR E 190 17.39 15.60 -29.90
N ARG E 191 18.03 16.38 -29.04
CA ARG E 191 18.88 17.50 -29.47
C ARG E 191 20.19 17.04 -30.09
N LEU E 192 20.85 16.08 -29.43
CA LEU E 192 22.09 15.48 -29.93
C LEU E 192 21.88 14.80 -31.30
N LEU E 193 20.95 13.85 -31.36
CA LEU E 193 20.58 13.23 -32.64
C LEU E 193 20.36 14.33 -33.69
N GLY E 194 19.33 15.15 -33.48
CA GLY E 194 19.02 16.25 -34.40
C GLY E 194 20.22 17.06 -34.87
N ASP E 195 21.23 17.20 -34.00
CA ASP E 195 22.47 17.88 -34.34
C ASP E 195 23.46 16.99 -35.11
N LEU E 196 23.27 15.68 -35.07
CA LEU E 196 24.03 14.76 -35.93
C LEU E 196 23.39 14.64 -37.31
N ARG E 197 22.08 14.87 -37.37
CA ARG E 197 21.33 14.89 -38.63
C ARG E 197 21.77 16.07 -39.50
N GLU E 198 21.84 17.26 -38.89
CA GLU E 198 22.26 18.47 -39.59
C GLU E 198 23.73 18.38 -39.97
N SER E 199 24.53 17.78 -39.09
CA SER E 199 25.95 17.57 -39.37
C SER E 199 26.21 16.58 -40.52
N LYS E 200 25.14 16.03 -41.10
CA LYS E 200 25.23 15.00 -42.13
C LYS E 200 26.08 13.80 -41.67
N LEU E 201 26.07 13.51 -40.38
CA LEU E 201 26.81 12.38 -39.83
C LEU E 201 25.91 11.14 -39.72
N ILE E 202 24.62 11.37 -39.49
CA ILE E 202 23.62 10.29 -39.50
C ILE E 202 22.38 10.74 -40.26
N ALA E 203 21.44 9.81 -40.44
CA ALA E 203 20.13 10.09 -41.03
C ALA E 203 19.06 9.18 -40.36
N ILE E 204 17.80 9.63 -40.28
CA ILE E 204 16.74 8.90 -39.56
C ILE E 204 15.49 8.80 -40.38
N HIS E 205 14.93 7.60 -40.48
CA HIS E 205 13.66 7.37 -41.15
C HIS E 205 12.91 6.25 -40.43
N LYS E 206 11.60 6.42 -40.26
CA LYS E 206 10.72 5.39 -39.69
C LYS E 206 11.10 4.94 -38.26
N LYS E 207 11.76 5.79 -37.48
CA LYS E 207 12.33 5.41 -36.17
C LYS E 207 13.66 4.63 -36.25
N ARG E 208 14.22 4.47 -37.46
CA ARG E 208 15.50 3.77 -37.66
C ARG E 208 16.58 4.72 -38.11
N ILE E 209 17.74 4.62 -37.49
CA ILE E 209 18.89 5.50 -37.69
C ILE E 209 19.91 4.88 -38.66
N THR E 210 20.50 5.70 -39.53
CA THR E 210 21.60 5.28 -40.38
C THR E 210 22.80 6.15 -40.08
N VAL E 211 23.93 5.55 -39.73
CA VAL E 211 25.14 6.31 -39.48
C VAL E 211 26.04 6.11 -40.69
N PHE E 212 26.38 7.21 -41.37
CA PHE E 212 27.27 7.17 -42.52
C PHE E 212 28.71 6.96 -42.06
N ASN E 213 29.43 6.10 -42.77
CA ASN E 213 30.86 5.92 -42.50
C ASN E 213 31.19 5.90 -41.00
N PRO E 214 30.74 4.85 -40.28
CA PRO E 214 31.02 4.77 -38.85
C PRO E 214 32.52 4.83 -38.55
N VAL E 215 33.29 4.07 -39.32
CA VAL E 215 34.71 4.34 -39.49
C VAL E 215 35.08 5.83 -39.26
N ALA E 216 34.37 6.73 -39.94
CA ALA E 216 34.54 8.19 -39.76
C ALA E 216 34.02 8.69 -38.43
N LEU E 217 32.82 8.25 -38.05
CA LEU E 217 32.19 8.73 -36.80
C LEU E 217 33.09 8.43 -35.57
N SER E 218 33.77 7.27 -35.61
CA SER E 218 34.83 6.94 -34.65
C SER E 218 35.94 8.00 -34.62
N GLN E 219 36.35 8.46 -35.80
CA GLN E 219 37.42 9.45 -35.91
C GLN E 219 37.00 10.89 -35.47
N GLN E 220 35.70 11.13 -35.30
CA GLN E 220 35.21 12.40 -34.71
C GLN E 220 34.17 12.14 -33.61
N PRO F 21 -43.73 -5.96 -34.65
CA PRO F 21 -42.65 -6.18 -33.70
C PRO F 21 -43.07 -6.03 -32.23
N LEU F 22 -44.33 -6.30 -31.92
CA LEU F 22 -44.93 -5.85 -30.66
C LEU F 22 -45.79 -6.92 -29.98
N GLN F 23 -45.20 -7.68 -29.06
CA GLN F 23 -45.95 -8.72 -28.35
C GLN F 23 -46.75 -8.12 -27.19
N ILE F 24 -48.02 -8.47 -27.12
CA ILE F 24 -48.91 -7.95 -26.07
C ILE F 24 -49.19 -9.06 -25.05
N GLU F 25 -48.46 -8.98 -23.93
CA GLU F 25 -48.41 -10.04 -22.96
C GLU F 25 -49.18 -9.72 -21.68
N GLN F 26 -49.94 -10.69 -21.19
CA GLN F 26 -50.55 -10.60 -19.87
C GLN F 26 -49.90 -11.62 -18.91
N PHE F 27 -49.80 -11.24 -17.63
CA PHE F 27 -49.32 -12.15 -16.59
C PHE F 27 -50.22 -12.06 -15.34
N GLU F 28 -50.77 -13.21 -14.97
CA GLU F 28 -51.58 -13.37 -13.76
C GLU F 28 -50.73 -13.03 -12.55
N ARG F 29 -51.36 -12.62 -11.46
CA ARG F 29 -50.61 -12.17 -10.29
C ARG F 29 -49.65 -13.26 -9.78
N GLY F 30 -48.47 -12.85 -9.31
CA GLY F 30 -47.44 -13.77 -8.82
C GLY F 30 -46.64 -14.51 -9.87
N LYS F 31 -46.99 -14.37 -11.15
CA LYS F 31 -46.31 -15.12 -12.20
C LYS F 31 -44.98 -14.46 -12.60
N THR F 32 -44.08 -15.28 -13.12
CA THR F 32 -42.81 -14.78 -13.62
C THR F 32 -42.97 -14.28 -15.05
N ILE F 33 -42.31 -13.17 -15.34
CA ILE F 33 -42.17 -12.64 -16.69
C ILE F 33 -40.86 -13.16 -17.28
N PHE F 34 -39.75 -13.04 -16.54
CA PHE F 34 -38.53 -13.79 -16.86
C PHE F 34 -37.73 -14.24 -15.63
N PHE F 35 -36.89 -15.25 -15.83
CA PHE F 35 -35.98 -15.73 -14.79
C PHE F 35 -34.58 -15.26 -15.08
N PRO F 36 -33.72 -15.19 -14.05
CA PRO F 36 -32.32 -14.88 -14.32
C PRO F 36 -31.68 -15.94 -15.20
N GLY F 37 -30.66 -15.55 -15.95
CA GLY F 37 -29.98 -16.48 -16.83
C GLY F 37 -30.73 -16.81 -18.10
N ASP F 38 -32.03 -16.52 -18.16
CA ASP F 38 -32.79 -16.54 -19.43
C ASP F 38 -32.11 -15.61 -20.43
N PRO F 39 -32.28 -15.89 -21.73
CA PRO F 39 -31.58 -15.06 -22.72
C PRO F 39 -32.34 -13.75 -22.89
N ALA F 40 -31.60 -12.65 -22.96
CA ALA F 40 -32.20 -11.33 -23.14
C ALA F 40 -32.78 -11.19 -24.55
N GLU F 41 -34.01 -11.68 -24.71
CA GLU F 41 -34.69 -11.70 -26.00
C GLU F 41 -35.18 -10.31 -26.42
N ARG F 42 -35.82 -9.61 -25.48
CA ARG F 42 -36.55 -8.38 -25.82
C ARG F 42 -36.36 -7.26 -24.79
N VAL F 43 -37.03 -6.13 -25.06
CA VAL F 43 -37.22 -5.04 -24.11
C VAL F 43 -38.72 -4.95 -23.80
N TYR F 44 -39.04 -4.53 -22.58
CA TYR F 44 -40.41 -4.52 -22.10
C TYR F 44 -40.86 -3.11 -21.69
N LEU F 45 -42.17 -2.84 -21.82
CA LEU F 45 -42.78 -1.64 -21.24
C LEU F 45 -43.98 -2.07 -20.42
N LEU F 46 -43.99 -1.73 -19.14
CA LEU F 46 -45.10 -2.09 -18.27
C LEU F 46 -46.25 -1.12 -18.53
N VAL F 47 -47.31 -1.60 -19.15
CA VAL F 47 -48.46 -0.77 -19.49
C VAL F 47 -49.36 -0.63 -18.28
N LYS F 48 -49.78 -1.75 -17.71
CA LYS F 48 -50.61 -1.70 -16.50
C LYS F 48 -50.20 -2.79 -15.54
N GLY F 49 -50.18 -2.42 -14.26
CA GLY F 49 -49.74 -3.30 -13.20
C GLY F 49 -48.46 -2.82 -12.55
N ALA F 50 -47.82 -3.74 -11.84
CA ALA F 50 -46.56 -3.47 -11.15
C ALA F 50 -45.73 -4.76 -11.15
N VAL F 51 -44.54 -4.67 -11.74
CA VAL F 51 -43.60 -5.79 -11.74
C VAL F 51 -42.61 -5.57 -10.62
N LYS F 52 -42.24 -6.64 -9.93
CA LYS F 52 -41.22 -6.54 -8.91
C LYS F 52 -40.01 -7.27 -9.43
N LEU F 53 -38.85 -6.64 -9.32
CA LEU F 53 -37.58 -7.23 -9.74
C LEU F 53 -36.84 -7.72 -8.52
N SER F 54 -36.37 -8.96 -8.58
CA SER F 54 -35.66 -9.57 -7.48
C SER F 54 -34.33 -10.14 -7.94
N ARG F 55 -33.43 -10.35 -6.98
CA ARG F 55 -32.10 -10.87 -7.24
C ARG F 55 -31.93 -12.15 -6.45
N VAL F 56 -31.21 -13.12 -7.02
CA VAL F 56 -31.04 -14.43 -6.41
C VAL F 56 -29.56 -14.76 -6.12
N TYR F 57 -29.26 -14.95 -4.85
CA TYR F 57 -27.90 -15.16 -4.39
C TYR F 57 -27.53 -16.64 -4.45
N GLU F 58 -26.23 -16.94 -4.36
CA GLU F 58 -25.71 -18.33 -4.27
C GLU F 58 -26.47 -19.13 -3.23
N SER F 59 -26.71 -18.50 -2.09
CA SER F 59 -27.48 -19.04 -1.00
C SER F 59 -28.87 -19.58 -1.38
N GLY F 60 -29.35 -19.21 -2.57
CA GLY F 60 -30.73 -19.46 -2.96
C GLY F 60 -31.62 -18.32 -2.51
N GLU F 61 -31.06 -17.40 -1.72
CA GLU F 61 -31.86 -16.34 -1.10
C GLU F 61 -32.27 -15.30 -2.16
N GLU F 62 -33.54 -14.94 -2.18
CA GLU F 62 -34.06 -13.99 -3.16
C GLU F 62 -34.35 -12.67 -2.46
N ILE F 63 -33.76 -11.58 -2.94
CA ILE F 63 -33.96 -10.25 -2.33
C ILE F 63 -34.68 -9.30 -3.30
N THR F 64 -35.58 -8.47 -2.79
CA THR F 64 -36.30 -7.53 -3.65
C THR F 64 -35.36 -6.41 -4.07
N VAL F 65 -35.39 -6.07 -5.37
CA VAL F 65 -34.50 -5.04 -5.91
C VAL F 65 -35.26 -3.75 -6.24
N ALA F 66 -36.45 -3.87 -6.83
CA ALA F 66 -37.31 -2.72 -7.13
C ALA F 66 -38.74 -3.16 -7.48
N LEU F 67 -39.70 -2.26 -7.27
CA LEU F 67 -41.06 -2.43 -7.80
C LEU F 67 -41.32 -1.42 -8.91
N LEU F 68 -41.74 -1.88 -10.07
CA LEU F 68 -41.85 -1.00 -11.22
C LEU F 68 -43.29 -0.50 -11.45
N ARG F 69 -43.42 0.82 -11.49
CA ARG F 69 -44.69 1.44 -11.71
C ARG F 69 -45.04 1.42 -13.19
N GLU F 70 -46.28 1.76 -13.50
CA GLU F 70 -46.72 1.84 -14.90
C GLU F 70 -45.88 2.80 -15.72
N ASN F 71 -45.89 2.57 -17.03
CA ASN F 71 -45.07 3.31 -18.02
C ASN F 71 -43.56 3.12 -17.82
N SER F 72 -43.18 2.20 -16.92
CA SER F 72 -41.78 1.95 -16.64
C SER F 72 -41.25 0.95 -17.67
N VAL F 73 -40.01 1.12 -18.08
CA VAL F 73 -39.38 0.26 -19.10
C VAL F 73 -38.28 -0.57 -18.43
N PHE F 74 -38.21 -1.85 -18.78
CA PHE F 74 -37.26 -2.78 -18.14
C PHE F 74 -36.89 -3.92 -19.09
N GLY F 75 -35.85 -4.66 -18.73
CA GLY F 75 -35.15 -5.53 -19.67
C GLY F 75 -34.22 -4.67 -20.51
N VAL F 76 -33.65 -3.66 -19.86
CA VAL F 76 -32.85 -2.65 -20.54
C VAL F 76 -31.36 -3.03 -20.59
N LEU F 77 -30.72 -3.25 -19.43
CA LEU F 77 -29.27 -3.57 -19.34
C LEU F 77 -28.59 -3.87 -20.67
N SER F 78 -29.08 -4.89 -21.39
CA SER F 78 -28.57 -5.24 -22.73
C SER F 78 -28.94 -4.18 -23.79
N LEU F 79 -28.41 -2.97 -23.63
CA LEU F 79 -28.57 -1.86 -24.56
C LEU F 79 -27.25 -1.08 -24.56
N LEU F 80 -26.19 -1.83 -24.83
CA LEU F 80 -24.81 -1.34 -24.77
C LEU F 80 -24.24 -1.31 -26.18
N ARG F 84 -24.86 -7.78 -25.12
CA ARG F 84 -26.14 -8.30 -24.63
C ARG F 84 -25.96 -9.33 -23.50
N SER F 85 -26.22 -8.92 -22.26
CA SER F 85 -26.08 -9.78 -21.08
C SER F 85 -27.17 -10.83 -21.02
N ASP F 86 -26.96 -11.82 -20.14
CA ASP F 86 -28.06 -12.68 -19.70
C ASP F 86 -28.84 -11.95 -18.62
N ARG F 87 -30.07 -12.38 -18.41
CA ARG F 87 -30.97 -11.74 -17.46
C ARG F 87 -30.42 -11.82 -16.01
N PHE F 88 -30.15 -10.68 -15.39
CA PHE F 88 -29.69 -10.66 -14.00
C PHE F 88 -30.82 -10.90 -13.03
N TYR F 89 -31.96 -10.23 -13.24
CA TYR F 89 -33.03 -10.22 -12.28
C TYR F 89 -34.08 -11.29 -12.55
N HIS F 90 -34.99 -11.41 -11.58
CA HIS F 90 -36.20 -12.22 -11.68
C HIS F 90 -37.38 -11.25 -11.78
N ALA F 91 -38.09 -11.31 -12.90
CA ALA F 91 -39.20 -10.40 -13.18
C ALA F 91 -40.50 -11.07 -12.82
N VAL F 92 -41.32 -10.42 -12.00
CA VAL F 92 -42.56 -11.02 -11.53
C VAL F 92 -43.71 -10.02 -11.53
N ALA F 93 -44.91 -10.51 -11.85
CA ALA F 93 -46.12 -9.71 -11.71
C ALA F 93 -46.44 -9.60 -10.23
N PHE F 94 -46.29 -8.40 -9.67
CA PHE F 94 -46.60 -8.18 -8.25
C PHE F 94 -48.10 -8.00 -8.08
N THR F 95 -48.71 -7.35 -9.07
CA THR F 95 -50.14 -7.37 -9.26
C THR F 95 -50.30 -7.91 -10.67
N PRO F 96 -51.54 -8.11 -11.14
CA PRO F 96 -51.66 -8.50 -12.54
C PRO F 96 -51.02 -7.44 -13.42
N VAL F 97 -50.45 -7.87 -14.53
CA VAL F 97 -49.78 -6.94 -15.42
C VAL F 97 -50.16 -7.21 -16.85
N GLN F 98 -50.10 -6.16 -17.67
CA GLN F 98 -50.17 -6.26 -19.12
C GLN F 98 -49.03 -5.39 -19.66
N LEU F 99 -48.29 -5.90 -20.66
CA LEU F 99 -47.08 -5.22 -21.11
C LEU F 99 -46.78 -5.45 -22.59
N PHE F 100 -45.91 -4.61 -23.13
CA PHE F 100 -45.49 -4.66 -24.52
C PHE F 100 -44.10 -5.25 -24.59
N SER F 101 -43.90 -6.21 -25.49
CA SER F 101 -42.56 -6.74 -25.75
C SER F 101 -42.05 -6.12 -27.06
N VAL F 102 -40.73 -6.10 -27.26
CA VAL F 102 -40.16 -5.64 -28.52
C VAL F 102 -38.70 -6.08 -28.74
N PRO F 103 -38.40 -6.71 -29.90
CA PRO F 103 -37.04 -7.10 -30.25
C PRO F 103 -36.01 -6.03 -29.92
N ILE F 104 -34.86 -6.47 -29.43
CA ILE F 104 -33.84 -5.55 -28.93
C ILE F 104 -33.20 -4.76 -30.07
N GLU F 105 -33.14 -5.36 -31.25
CA GLU F 105 -32.56 -4.68 -32.41
C GLU F 105 -33.53 -3.60 -32.96
N PHE F 106 -34.84 -3.87 -32.88
CA PHE F 106 -35.86 -2.87 -33.16
C PHE F 106 -35.68 -1.67 -32.23
N MET F 107 -35.61 -1.95 -30.93
CA MET F 107 -35.44 -0.92 -29.90
C MET F 107 -34.17 -0.11 -30.05
N GLN F 108 -33.07 -0.77 -30.40
CA GLN F 108 -31.81 -0.06 -30.65
C GLN F 108 -31.91 0.80 -31.90
N LYS F 109 -32.63 0.31 -32.92
CA LYS F 109 -32.80 1.06 -34.16
C LYS F 109 -33.88 2.15 -34.04
N ALA F 110 -34.87 1.92 -33.18
CA ALA F 110 -35.85 2.95 -32.86
C ALA F 110 -35.19 4.12 -32.12
N LEU F 111 -34.12 3.82 -31.38
CA LEU F 111 -33.40 4.81 -30.57
C LEU F 111 -32.44 5.65 -31.42
N ILE F 112 -31.61 4.97 -32.21
CA ILE F 112 -30.62 5.64 -33.06
C ILE F 112 -31.30 6.64 -34.01
N GLU F 113 -32.53 6.33 -34.41
CA GLU F 113 -33.33 7.24 -35.25
C GLU F 113 -34.16 8.20 -34.39
N ARG F 114 -35.33 7.75 -33.92
CA ARG F 114 -36.25 8.60 -33.14
C ARG F 114 -35.66 8.92 -31.75
N PRO F 115 -35.00 10.10 -31.60
CA PRO F 115 -34.27 10.37 -30.36
C PRO F 115 -35.14 11.03 -29.27
N GLU F 116 -36.43 11.25 -29.55
CA GLU F 116 -37.42 11.58 -28.52
C GLU F 116 -37.54 10.39 -27.55
N LEU F 117 -37.56 9.18 -28.12
CA LEU F 117 -37.57 7.94 -27.35
C LEU F 117 -36.38 7.87 -26.40
N ALA F 118 -35.23 8.41 -26.84
CA ALA F 118 -34.04 8.51 -25.98
C ALA F 118 -34.31 9.15 -24.61
N ASN F 119 -35.26 10.08 -24.56
CA ASN F 119 -35.50 10.87 -23.34
C ASN F 119 -36.35 10.15 -22.29
N VAL F 120 -37.51 9.65 -22.68
CA VAL F 120 -38.29 8.77 -21.79
C VAL F 120 -37.40 7.67 -21.21
N MET F 121 -36.57 7.09 -22.07
CA MET F 121 -35.61 6.05 -21.70
C MET F 121 -34.47 6.55 -20.79
N LEU F 122 -33.93 7.73 -21.07
CA LEU F 122 -32.89 8.31 -20.21
C LEU F 122 -33.47 8.60 -18.83
N GLN F 123 -34.65 9.23 -18.80
CA GLN F 123 -35.35 9.46 -17.54
C GLN F 123 -35.75 8.12 -16.94
N GLY F 124 -36.22 7.21 -17.81
CA GLY F 124 -36.59 5.85 -17.41
C GLY F 124 -35.64 5.21 -16.40
N LEU F 125 -34.43 4.90 -16.84
CA LEU F 125 -33.42 4.33 -15.95
C LEU F 125 -33.29 5.18 -14.67
N SER F 126 -32.85 6.42 -14.82
CA SER F 126 -32.57 7.33 -13.69
C SER F 126 -33.43 7.08 -12.44
N SER F 127 -34.74 6.97 -12.61
CA SER F 127 -35.67 6.74 -11.48
C SER F 127 -35.51 5.34 -10.87
N ARG F 128 -34.89 4.45 -11.66
CA ARG F 128 -34.57 3.10 -11.23
C ARG F 128 -33.48 3.12 -10.17
N ILE F 129 -32.36 3.72 -10.52
CA ILE F 129 -31.26 3.78 -9.57
C ILE F 129 -31.77 4.34 -8.23
N LEU F 130 -32.72 5.30 -8.29
CA LEU F 130 -33.33 5.85 -7.08
C LEU F 130 -34.21 4.83 -6.41
N GLN F 131 -35.10 4.21 -7.18
CA GLN F 131 -35.91 3.10 -6.70
C GLN F 131 -35.05 2.13 -5.90
N THR F 132 -34.02 1.62 -6.56
CA THR F 132 -33.15 0.58 -5.98
C THR F 132 -32.36 1.04 -4.75
N GLU F 133 -31.90 2.28 -4.74
CA GLU F 133 -31.25 2.85 -3.55
C GLU F 133 -32.23 2.92 -2.40
N MET F 134 -33.48 3.27 -2.69
CA MET F 134 -34.48 3.33 -1.63
C MET F 134 -34.69 1.93 -1.08
N MET F 135 -34.84 0.97 -1.97
CA MET F 135 -35.08 -0.40 -1.54
C MET F 135 -33.90 -0.85 -0.68
N ILE F 136 -32.67 -0.59 -1.14
CA ILE F 136 -31.48 -0.98 -0.36
C ILE F 136 -31.65 -0.43 1.03
N GLU F 137 -32.02 0.85 1.10
CA GLU F 137 -32.26 1.51 2.39
C GLU F 137 -33.34 0.84 3.22
N THR F 138 -34.54 0.65 2.66
CA THR F 138 -35.66 0.17 3.46
C THR F 138 -35.37 -1.26 3.94
N LEU F 139 -34.81 -2.08 3.06
CA LEU F 139 -34.45 -3.45 3.44
C LEU F 139 -33.31 -3.49 4.46
N ALA F 140 -32.50 -2.43 4.55
CA ALA F 140 -31.37 -2.41 5.47
C ALA F 140 -31.83 -2.38 6.94
N HIS F 141 -32.96 -1.72 7.23
CA HIS F 141 -33.52 -1.68 8.58
C HIS F 141 -33.61 -3.06 9.18
N ARG F 142 -32.98 -3.27 10.32
CA ARG F 142 -33.04 -4.58 11.00
C ARG F 142 -34.28 -4.71 11.90
N ASP F 143 -34.90 -3.58 12.21
CA ASP F 143 -36.19 -3.55 12.88
C ASP F 143 -37.30 -3.62 11.83
N MET F 144 -38.17 -4.62 11.93
CA MET F 144 -39.17 -4.90 10.89
C MET F 144 -40.20 -3.79 10.75
N GLY F 145 -40.66 -3.29 11.87
CA GLY F 145 -41.71 -2.29 11.84
C GLY F 145 -41.23 -1.09 11.06
N SER F 146 -39.95 -0.74 11.27
CA SER F 146 -39.34 0.38 10.61
C SER F 146 -39.12 0.04 9.14
N ARG F 147 -38.68 -1.19 8.89
CA ARG F 147 -38.66 -1.74 7.53
C ARG F 147 -40.02 -1.68 6.83
N LEU F 148 -41.07 -2.12 7.51
CA LEU F 148 -42.41 -2.09 6.93
C LEU F 148 -42.77 -0.67 6.53
N VAL F 149 -42.60 0.27 7.45
CA VAL F 149 -42.99 1.66 7.22
C VAL F 149 -42.26 2.23 6.01
N SER F 150 -40.97 1.96 5.95
CA SER F 150 -40.13 2.38 4.84
C SER F 150 -40.54 1.74 3.50
N PHE F 151 -41.09 0.53 3.54
CA PHE F 151 -41.65 -0.10 2.36
C PHE F 151 -43.01 0.52 1.95
N LEU F 152 -43.88 0.81 2.92
CA LEU F 152 -45.16 1.47 2.60
C LEU F 152 -44.95 2.85 2.02
N LEU F 153 -43.93 3.56 2.52
CA LEU F 153 -43.59 4.87 1.99
C LEU F 153 -43.10 4.80 0.55
N ILE F 154 -42.33 3.75 0.25
CA ILE F 154 -41.99 3.53 -1.14
C ILE F 154 -43.28 3.36 -1.94
N LEU F 155 -44.20 2.56 -1.40
CA LEU F 155 -45.41 2.23 -2.13
C LEU F 155 -46.26 3.48 -2.32
N CYS F 156 -46.32 4.33 -1.31
CA CYS F 156 -47.02 5.60 -1.46
C CYS F 156 -46.48 6.38 -2.62
N ARG F 157 -45.16 6.56 -2.62
CA ARG F 157 -44.50 7.49 -3.53
C ARG F 157 -44.54 7.04 -4.99
N ASP F 158 -44.60 5.72 -5.21
CA ASP F 158 -44.58 5.17 -6.56
C ASP F 158 -45.97 4.67 -7.02
N PHE F 159 -46.83 4.32 -6.08
CA PHE F 159 -48.12 3.74 -6.42
C PHE F 159 -49.30 4.38 -5.70
N GLY F 160 -49.06 5.50 -5.03
CA GLY F 160 -50.11 6.17 -4.28
C GLY F 160 -50.84 7.17 -5.13
N ILE F 161 -52.18 7.17 -5.05
CA ILE F 161 -53.00 8.24 -5.61
C ILE F 161 -53.56 9.05 -4.44
N PRO F 162 -53.66 10.37 -4.60
CA PRO F 162 -54.39 11.19 -3.65
C PRO F 162 -55.81 10.73 -3.49
N SER F 163 -56.29 10.74 -2.24
CA SER F 163 -57.69 10.52 -1.92
C SER F 163 -58.10 11.53 -0.85
N PRO F 164 -59.40 11.61 -0.53
CA PRO F 164 -59.79 12.48 0.57
C PRO F 164 -59.30 11.93 1.91
N ASP F 165 -59.14 10.61 1.98
CA ASP F 165 -58.64 9.94 3.16
C ASP F 165 -57.11 10.01 3.32
N GLY F 166 -56.40 10.56 2.34
CA GLY F 166 -54.93 10.66 2.41
C GLY F 166 -54.29 10.13 1.15
N ILE F 167 -53.33 9.21 1.30
CA ILE F 167 -52.76 8.54 0.13
C ILE F 167 -53.18 7.07 0.12
N THR F 168 -54.09 6.74 -0.78
CA THR F 168 -54.44 5.35 -1.04
C THR F 168 -53.35 4.80 -1.95
N ILE F 169 -52.70 3.73 -1.49
CA ILE F 169 -51.73 2.97 -2.30
C ILE F 169 -52.50 2.13 -3.30
N ASP F 170 -52.41 2.49 -4.57
CA ASP F 170 -53.24 1.85 -5.59
C ASP F 170 -52.77 0.43 -6.01
N LEU F 171 -52.66 -0.50 -5.07
CA LEU F 171 -52.48 -1.91 -5.44
C LEU F 171 -52.92 -2.91 -4.38
N LYS F 172 -53.59 -3.97 -4.83
CA LYS F 172 -54.10 -5.00 -3.94
C LYS F 172 -52.94 -5.85 -3.50
N LEU F 173 -52.72 -5.96 -2.18
CA LEU F 173 -51.52 -6.59 -1.66
C LEU F 173 -51.81 -7.47 -0.45
N SER F 174 -51.66 -8.77 -0.60
CA SER F 174 -51.77 -9.66 0.54
C SER F 174 -50.61 -9.45 1.49
N HIS F 175 -50.84 -9.73 2.76
CA HIS F 175 -49.83 -9.63 3.80
C HIS F 175 -48.65 -10.50 3.44
N GLN F 176 -48.92 -11.62 2.78
CA GLN F 176 -47.86 -12.51 2.39
C GLN F 176 -46.96 -11.85 1.35
N ALA F 177 -47.58 -11.28 0.32
CA ALA F 177 -46.87 -10.54 -0.71
C ALA F 177 -45.98 -9.45 -0.09
N ILE F 178 -46.55 -8.67 0.81
CA ILE F 178 -45.76 -7.71 1.54
C ILE F 178 -44.64 -8.43 2.32
N ALA F 179 -45.00 -9.48 3.05
CA ALA F 179 -44.03 -10.19 3.88
C ALA F 179 -42.84 -10.71 3.04
N GLU F 180 -43.15 -11.44 1.96
CA GLU F 180 -42.11 -12.01 1.12
C GLU F 180 -41.25 -10.94 0.47
N ALA F 181 -41.86 -9.82 0.09
CA ALA F 181 -41.16 -8.72 -0.56
C ALA F 181 -40.17 -8.05 0.35
N ILE F 182 -40.48 -7.90 1.63
CA ILE F 182 -39.57 -7.23 2.58
C ILE F 182 -38.75 -8.20 3.41
N GLY F 183 -38.86 -9.49 3.15
CA GLY F 183 -38.03 -10.45 3.87
C GLY F 183 -38.54 -10.80 5.24
N SER F 184 -39.85 -10.72 5.42
CA SER F 184 -40.49 -11.01 6.68
C SER F 184 -41.31 -12.29 6.59
N THR F 185 -42.14 -12.51 7.62
CA THR F 185 -43.15 -13.55 7.61
C THR F 185 -44.51 -12.88 7.69
N ARG F 186 -45.52 -13.57 7.21
CA ARG F 186 -46.88 -13.04 7.21
C ARG F 186 -47.45 -12.81 8.62
N VAL F 187 -47.04 -13.63 9.58
CA VAL F 187 -47.48 -13.45 10.96
C VAL F 187 -47.11 -12.03 11.41
N THR F 188 -45.84 -11.68 11.28
CA THR F 188 -45.38 -10.37 11.71
C THR F 188 -46.05 -9.24 10.91
N VAL F 189 -45.95 -9.29 9.59
CA VAL F 189 -46.57 -8.27 8.76
C VAL F 189 -48.03 -8.05 9.14
N THR F 190 -48.75 -9.12 9.44
CA THR F 190 -50.17 -9.02 9.82
C THR F 190 -50.37 -8.19 11.11
N ARG F 191 -49.41 -8.29 12.03
CA ARG F 191 -49.57 -7.65 13.32
C ARG F 191 -48.99 -6.23 13.36
N LEU F 192 -47.94 -5.99 12.59
CA LEU F 192 -47.40 -4.66 12.45
C LEU F 192 -48.44 -3.80 11.77
N LEU F 193 -49.05 -4.30 10.70
CA LEU F 193 -50.13 -3.54 10.06
C LEU F 193 -51.23 -3.31 11.09
N GLY F 194 -51.52 -4.34 11.88
CA GLY F 194 -52.51 -4.23 12.95
C GLY F 194 -52.16 -3.10 13.88
N ASP F 195 -50.91 -3.08 14.35
CA ASP F 195 -50.43 -1.98 15.19
C ASP F 195 -50.60 -0.63 14.51
N LEU F 196 -50.12 -0.51 13.26
CA LEU F 196 -50.16 0.77 12.54
C LEU F 196 -51.59 1.32 12.48
N ARG F 197 -52.54 0.44 12.23
CA ARG F 197 -53.94 0.80 12.08
C ARG F 197 -54.57 1.16 13.44
N GLU F 198 -54.27 0.35 14.46
CA GLU F 198 -54.65 0.66 15.83
C GLU F 198 -54.15 2.05 16.21
N SER F 199 -52.93 2.38 15.81
CA SER F 199 -52.34 3.70 16.08
C SER F 199 -52.88 4.82 15.18
N LYS F 200 -53.80 4.47 14.28
CA LYS F 200 -54.52 5.44 13.44
C LYS F 200 -53.65 6.20 12.41
N LEU F 201 -52.64 5.52 11.88
CA LEU F 201 -51.76 6.08 10.86
C LEU F 201 -52.17 5.60 9.47
N ILE F 202 -52.58 4.34 9.35
CA ILE F 202 -53.09 3.80 8.08
C ILE F 202 -54.49 3.21 8.19
N ALA F 203 -55.03 2.81 7.04
CA ALA F 203 -56.32 2.13 6.98
C ALA F 203 -56.30 1.15 5.82
N ILE F 204 -56.78 -0.07 6.08
CA ILE F 204 -56.88 -1.09 5.03
C ILE F 204 -58.37 -1.25 4.68
N HIS F 205 -58.70 -1.00 3.43
CA HIS F 205 -60.07 -1.02 2.98
C HIS F 205 -60.17 -1.50 1.55
N LYS F 206 -61.07 -2.44 1.31
CA LYS F 206 -61.20 -3.10 0.01
C LYS F 206 -59.83 -3.58 -0.50
N LYS F 207 -59.09 -4.24 0.38
CA LYS F 207 -57.79 -4.80 0.03
C LYS F 207 -56.81 -3.72 -0.41
N ARG F 208 -56.81 -2.58 0.25
CA ARG F 208 -55.92 -1.48 -0.15
C ARG F 208 -55.54 -0.56 1.00
N ILE F 209 -54.23 -0.39 1.20
CA ILE F 209 -53.73 0.39 2.32
C ILE F 209 -53.77 1.86 2.00
N THR F 210 -54.29 2.64 2.92
CA THR F 210 -54.35 4.08 2.78
C THR F 210 -53.63 4.67 3.97
N VAL F 211 -52.49 5.33 3.73
CA VAL F 211 -51.80 6.02 4.81
C VAL F 211 -52.29 7.47 4.85
N PHE F 212 -52.79 7.88 6.01
CA PHE F 212 -53.49 9.16 6.15
C PHE F 212 -52.52 10.31 5.96
N ASN F 213 -51.31 10.17 6.50
CA ASN F 213 -50.27 11.18 6.32
C ASN F 213 -48.88 10.57 6.32
N PRO F 214 -48.20 10.56 5.17
CA PRO F 214 -46.91 9.87 5.09
C PRO F 214 -45.83 10.42 6.03
N VAL F 215 -45.85 11.75 6.27
CA VAL F 215 -44.89 12.34 7.20
C VAL F 215 -45.11 11.74 8.58
N ALA F 216 -46.33 11.88 9.08
CA ALA F 216 -46.73 11.30 10.35
C ALA F 216 -46.14 9.92 10.48
N LEU F 217 -46.43 9.08 9.48
CA LEU F 217 -45.93 7.70 9.41
C LEU F 217 -44.41 7.67 9.60
N SER F 218 -43.68 8.46 8.83
CA SER F 218 -42.20 8.43 8.90
C SER F 218 -41.69 8.71 10.33
N GLN F 219 -42.22 9.77 10.97
CA GLN F 219 -41.84 10.12 12.36
C GLN F 219 -42.59 9.27 13.39
C1 AKG G . -6.05 1.40 38.29
O1 AKG G . -6.29 1.42 39.51
O2 AKG G . -6.91 1.12 37.40
C2 AKG G . -4.61 1.74 37.89
O5 AKG G . -3.79 1.99 38.77
C3 AKG G . -4.19 1.74 36.41
C4 AKG G . -3.02 0.78 36.24
C5 AKG G . -1.85 1.49 35.54
O3 AKG G . -0.83 1.71 36.21
O4 AKG G . -1.99 1.79 34.34
C1 AKG H . 7.37 13.15 21.52
O1 AKG H . 8.49 13.69 21.40
O2 AKG H . 6.83 12.46 20.61
C2 AKG H . 6.67 13.37 22.88
O5 AKG H . 7.23 14.06 23.73
C3 AKG H . 5.28 12.78 23.16
C4 AKG H . 4.33 13.92 23.52
C5 AKG H . 3.61 13.64 24.83
O3 AKG H . 3.90 14.37 25.79
O4 AKG H . 2.77 12.73 24.85
C1 AKG I . -26.80 12.12 -7.45
O1 AKG I . -27.04 13.21 -6.89
O2 AKG I . -27.10 11.90 -8.65
C2 AKG I . -26.12 10.97 -6.62
O5 AKG I . -25.82 11.13 -5.44
C3 AKG I . -25.81 9.64 -7.26
C4 AKG I . -24.82 9.82 -8.40
C5 AKG I . -25.15 8.97 -9.63
O3 AKG I . -24.17 8.53 -10.26
O4 AKG I . -26.34 8.81 -9.95
C1 AKG J . 41.15 -8.42 -22.07
O1 AKG J . 42.05 -9.03 -22.68
O2 AKG J . 40.88 -7.20 -22.24
C2 AKG J . 40.31 -9.26 -21.09
O5 AKG J . 40.58 -10.46 -20.95
C3 AKG J . 39.16 -8.64 -20.31
C4 AKG J . 39.40 -8.90 -18.83
C5 AKG J . 38.18 -9.56 -18.19
O3 AKG J . 38.29 -10.74 -17.82
O4 AKG J . 37.14 -8.86 -18.06
C1 AKG K . 18.36 -12.12 -13.94
O1 AKG K . 17.68 -13.03 -13.42
O2 AKG K . 18.28 -10.92 -13.60
C2 AKG K . 19.36 -12.59 -15.03
O5 AKG K . 19.40 -13.77 -15.34
C3 AKG K . 20.25 -11.58 -15.76
C4 AKG K . 19.97 -11.67 -17.26
C5 AKG K . 21.25 -11.86 -18.06
O3 AKG K . 21.39 -12.95 -18.64
O4 AKG K . 22.06 -10.93 -18.10
C1 AKG L . -31.89 -7.28 -18.90
O1 AKG L . -31.87 -8.24 -19.70
O2 AKG L . -31.71 -6.11 -19.28
C2 AKG L . -32.13 -7.57 -17.39
O5 AKG L . -32.31 -8.70 -16.94
C3 AKG L . -32.17 -6.42 -16.42
C4 AKG L . -33.60 -5.88 -16.37
C5 AKG L . -33.61 -4.37 -16.27
O3 AKG L . -34.63 -3.86 -15.78
O4 AKG L . -32.61 -3.75 -16.71
#